data_5Z5L
#
_entry.id   5Z5L
#
_cell.length_a   59.415
_cell.length_b   64.086
_cell.length_c   126.106
_cell.angle_alpha   90.00
_cell.angle_beta   92.90
_cell.angle_gamma   90.00
#
_symmetry.space_group_name_H-M   'P 1 21 1'
#
loop_
_entity.id
_entity.type
_entity.pdbx_description
1 polymer Concanavalin-A
2 non-polymer 'MANGANESE (II) ION'
3 non-polymer 'CALCIUM ION'
4 non-polymer '(1-methyl-1H-1,2,3-triazol-4-yl)methyl alpha-D-mannopyranoside'
5 water water
#
_entity_poly.entity_id   1
_entity_poly.type   'polypeptide(L)'
_entity_poly.pdbx_seq_one_letter_code
;ADTIVAVELDTYPNTDIGDPSYPHIGIDIKSVRSKKTAKWNMQNGKVGTAHIIYNSVDKRLSAVVSYPNADSATVSYDVD
LDNVLPEWVRVGLSASTGLYKETNTILSWSFTSKLKSNSTHETNALHFMFNQFSKDQKDLILQGDATTGTDGNLELTRVS
SNGSPQGSSVGRALFYAPVHIWESSAVVASFEATFTFLIKSPDSHPADGIAFFISNIDSSIPSGSTGRLLGLFPDAN
;
_entity_poly.pdbx_strand_id   A,B,C,D
#
loop_
_chem_comp.id
_chem_comp.type
_chem_comp.name
_chem_comp.formula
96O D-saccharide '(1-methyl-1H-1,2,3-triazol-4-yl)methyl alpha-D-mannopyranoside' 'C10 H17 N3 O6'
CA non-polymer 'CALCIUM ION' 'Ca 2'
MN non-polymer 'MANGANESE (II) ION' 'Mn 2'
#
# COMPACT_ATOMS: atom_id res chain seq x y z
N ALA A 1 -4.93 34.07 12.85
CA ALA A 1 -5.51 33.32 11.76
C ALA A 1 -4.74 32.08 11.38
N ASP A 2 -5.49 31.09 10.95
CA ASP A 2 -4.93 29.83 10.59
C ASP A 2 -4.23 30.01 9.26
N THR A 3 -3.41 29.04 8.90
CA THR A 3 -2.72 29.01 7.63
C THR A 3 -3.37 27.92 6.79
N ILE A 4 -3.91 28.28 5.65
CA ILE A 4 -4.60 27.32 4.83
C ILE A 4 -4.13 27.16 3.40
N VAL A 5 -4.09 25.92 2.94
CA VAL A 5 -3.80 25.62 1.57
C VAL A 5 -4.97 24.74 1.26
N ALA A 6 -5.72 25.06 0.24
CA ALA A 6 -6.87 24.26 -0.05
C ALA A 6 -7.24 24.12 -1.50
N VAL A 7 -8.02 23.11 -1.78
CA VAL A 7 -8.53 22.87 -3.10
C VAL A 7 -10.04 22.97 -3.02
N GLU A 8 -10.61 23.97 -3.66
CA GLU A 8 -12.02 24.17 -3.60
C GLU A 8 -12.85 23.75 -4.77
N LEU A 9 -14.01 23.28 -4.46
CA LEU A 9 -14.96 22.89 -5.41
C LEU A 9 -16.20 23.66 -5.00
N ASP A 10 -16.21 24.88 -5.55
CA ASP A 10 -17.05 26.09 -5.54
C ASP A 10 -18.34 26.05 -6.44
N THR A 11 -19.58 25.75 -5.96
CA THR A 11 -20.66 25.84 -6.82
C THR A 11 -21.21 27.22 -6.92
N TYR A 12 -20.67 28.20 -6.19
CA TYR A 12 -21.31 29.47 -6.31
C TYR A 12 -20.40 30.64 -6.66
N PRO A 13 -20.63 31.20 -7.83
CA PRO A 13 -19.83 32.29 -8.33
C PRO A 13 -20.02 33.55 -7.56
N ASN A 14 -18.98 33.98 -6.88
CA ASN A 14 -19.02 35.18 -6.12
C ASN A 14 -18.22 36.24 -6.85
N THR A 15 -18.78 36.73 -7.94
CA THR A 15 -18.14 37.69 -8.79
C THR A 15 -17.45 38.82 -8.08
N ASP A 16 -18.05 39.33 -7.03
CA ASP A 16 -17.45 40.43 -6.35
C ASP A 16 -16.18 40.08 -5.62
N ILE A 17 -15.74 38.84 -5.70
CA ILE A 17 -14.50 38.53 -5.05
C ILE A 17 -13.63 37.58 -5.84
N GLY A 18 -13.68 37.67 -7.14
CA GLY A 18 -12.85 36.83 -7.98
C GLY A 18 -13.38 35.53 -8.54
N ASP A 19 -14.54 35.09 -8.13
CA ASP A 19 -15.08 33.86 -8.65
C ASP A 19 -15.36 34.14 -10.10
N PRO A 20 -15.05 33.21 -10.99
CA PRO A 20 -15.39 33.43 -12.38
C PRO A 20 -16.88 33.27 -12.49
N SER A 21 -17.43 33.60 -13.63
CA SER A 21 -18.85 33.50 -13.83
C SER A 21 -19.46 32.11 -13.86
N TYR A 22 -18.84 31.15 -13.21
CA TYR A 22 -19.36 29.81 -13.26
C TYR A 22 -18.83 28.91 -12.15
N PRO A 23 -19.46 27.78 -11.93
CA PRO A 23 -19.00 26.86 -10.91
C PRO A 23 -17.60 26.43 -11.29
N HIS A 24 -16.72 26.27 -10.33
CA HIS A 24 -15.37 25.96 -10.66
C HIS A 24 -14.54 25.26 -9.61
N ILE A 25 -13.37 24.84 -10.04
CA ILE A 25 -12.39 24.22 -9.21
C ILE A 25 -11.24 25.22 -9.02
N GLY A 26 -10.65 25.30 -7.85
CA GLY A 26 -9.59 26.23 -7.61
C GLY A 26 -8.61 25.79 -6.57
N ILE A 27 -7.45 26.40 -6.56
CA ILE A 27 -6.45 26.06 -5.60
C ILE A 27 -6.30 27.33 -4.76
N ASP A 28 -6.42 27.21 -3.45
CA ASP A 28 -6.33 28.35 -2.54
C ASP A 28 -5.12 28.37 -1.61
N ILE A 29 -4.29 29.39 -1.78
CA ILE A 29 -3.11 29.55 -0.95
C ILE A 29 -3.30 30.76 -0.06
N LYS A 30 -3.67 30.50 1.17
CA LYS A 30 -3.90 31.53 2.17
C LYS A 30 -4.95 32.56 1.87
N SER A 31 -5.74 32.36 0.85
CA SER A 31 -6.79 33.29 0.55
C SER A 31 -7.89 32.56 -0.14
N VAL A 32 -9.08 33.10 -0.03
CA VAL A 32 -10.24 32.52 -0.67
C VAL A 32 -10.27 32.89 -2.14
N ARG A 33 -9.41 33.81 -2.51
CA ARG A 33 -9.31 34.21 -3.89
C ARG A 33 -8.28 33.28 -4.52
N SER A 34 -8.78 32.27 -5.21
CA SER A 34 -7.94 31.28 -5.86
C SER A 34 -6.87 31.74 -6.79
N LYS A 35 -5.70 31.17 -6.62
CA LYS A 35 -4.58 31.47 -7.45
C LYS A 35 -4.81 30.93 -8.83
N LYS A 36 -5.60 29.89 -8.96
CA LYS A 36 -5.86 29.34 -10.25
C LYS A 36 -7.17 28.63 -10.22
N THR A 37 -7.92 28.73 -11.28
CA THR A 37 -9.21 28.11 -11.34
C THR A 37 -9.40 27.41 -12.64
N ALA A 38 -10.44 26.62 -12.72
CA ALA A 38 -10.79 25.93 -13.92
C ALA A 38 -12.26 25.71 -13.84
N LYS A 39 -12.91 25.76 -14.97
CA LYS A 39 -14.33 25.59 -15.04
C LYS A 39 -14.75 24.21 -14.70
N TRP A 40 -15.76 24.12 -13.86
CA TRP A 40 -16.25 22.85 -13.45
C TRP A 40 -17.69 22.73 -13.84
N ASN A 41 -18.00 21.72 -14.61
CA ASN A 41 -19.37 21.52 -15.01
C ASN A 41 -20.05 20.66 -13.99
N MET A 42 -20.36 21.25 -12.85
CA MET A 42 -20.98 20.57 -11.75
C MET A 42 -22.26 19.95 -12.18
N GLN A 43 -22.45 18.68 -11.85
CA GLN A 43 -23.65 17.97 -12.18
C GLN A 43 -24.44 17.73 -10.91
N ASN A 44 -25.51 18.48 -10.73
CA ASN A 44 -26.33 18.36 -9.54
C ASN A 44 -26.92 16.97 -9.37
N GLY A 45 -26.82 16.43 -8.16
CA GLY A 45 -27.37 15.14 -7.81
C GLY A 45 -26.58 13.91 -8.18
N LYS A 46 -25.39 14.12 -8.70
CA LYS A 46 -24.53 13.04 -9.14
C LYS A 46 -23.23 12.89 -8.31
N VAL A 47 -22.82 11.66 -8.03
CA VAL A 47 -21.60 11.44 -7.25
C VAL A 47 -20.34 11.78 -8.02
N GLY A 48 -19.56 12.70 -7.50
CA GLY A 48 -18.32 13.11 -8.10
C GLY A 48 -17.11 12.57 -7.38
N THR A 49 -15.94 12.79 -7.95
CA THR A 49 -14.69 12.33 -7.41
C THR A 49 -13.64 13.39 -7.62
N ALA A 50 -12.92 13.69 -6.56
CA ALA A 50 -11.87 14.67 -6.55
C ALA A 50 -10.59 14.00 -6.16
N HIS A 51 -9.53 14.34 -6.85
CA HIS A 51 -8.27 13.76 -6.59
C HIS A 51 -7.30 14.89 -6.45
N ILE A 52 -6.53 14.90 -5.38
CA ILE A 52 -5.57 15.95 -5.16
C ILE A 52 -4.21 15.34 -4.99
N ILE A 53 -3.24 15.86 -5.69
CA ILE A 53 -1.91 15.34 -5.62
C ILE A 53 -0.88 16.41 -5.49
N TYR A 54 0.18 16.05 -4.80
CA TYR A 54 1.27 16.92 -4.60
C TYR A 54 2.54 16.12 -4.56
N ASN A 55 3.53 16.52 -5.33
CA ASN A 55 4.80 15.81 -5.26
C ASN A 55 5.90 16.78 -5.01
N SER A 56 6.85 16.36 -4.20
CA SER A 56 7.96 17.18 -3.78
C SER A 56 8.91 17.52 -4.89
N VAL A 57 8.95 16.69 -5.91
CA VAL A 57 9.85 16.94 -6.99
C VAL A 57 9.40 18.14 -7.76
N ASP A 58 8.20 18.08 -8.27
CA ASP A 58 7.66 19.18 -9.02
C ASP A 58 7.33 20.35 -8.14
N LYS A 59 6.82 20.05 -6.96
CA LYS A 59 6.39 21.03 -6.01
C LYS A 59 5.23 21.68 -6.67
N ARG A 60 4.36 20.85 -7.20
CA ARG A 60 3.18 21.28 -7.90
C ARG A 60 1.93 20.62 -7.37
N LEU A 61 0.92 21.41 -7.08
CA LEU A 61 -0.31 20.91 -6.55
C LEU A 61 -1.32 20.78 -7.65
N SER A 62 -1.98 19.65 -7.72
CA SER A 62 -2.94 19.41 -8.76
C SER A 62 -4.23 18.82 -8.27
N ALA A 63 -5.28 18.97 -9.04
CA ALA A 63 -6.54 18.44 -8.66
C ALA A 63 -7.39 18.17 -9.86
N VAL A 64 -8.15 17.09 -9.81
CA VAL A 64 -9.01 16.69 -10.89
C VAL A 64 -10.35 16.33 -10.35
N VAL A 65 -11.41 16.92 -10.86
CA VAL A 65 -12.71 16.60 -10.37
C VAL A 65 -13.49 15.94 -11.47
N SER A 66 -14.19 14.87 -11.17
CA SER A 66 -14.96 14.22 -12.21
C SER A 66 -16.17 13.45 -11.81
N TYR A 67 -16.86 12.98 -12.83
CA TYR A 67 -18.05 12.20 -12.73
C TYR A 67 -18.02 11.20 -13.85
N PRO A 68 -18.80 10.15 -13.77
CA PRO A 68 -18.83 9.17 -14.85
C PRO A 68 -19.35 9.69 -16.19
N ASN A 69 -18.68 9.32 -17.27
CA ASN A 69 -19.11 9.72 -18.58
C ASN A 69 -18.73 11.09 -18.99
N ALA A 70 -18.78 12.00 -18.03
CA ALA A 70 -18.46 13.35 -18.32
C ALA A 70 -16.99 13.53 -18.34
N ASP A 71 -16.54 14.63 -18.88
CA ASP A 71 -15.14 14.90 -18.89
C ASP A 71 -14.72 15.60 -17.58
N SER A 72 -13.48 15.44 -17.22
CA SER A 72 -12.94 16.01 -16.01
C SER A 72 -12.61 17.46 -16.10
N ALA A 73 -12.41 18.09 -14.95
CA ALA A 73 -11.97 19.46 -14.86
C ALA A 73 -10.71 19.34 -14.07
N THR A 74 -9.67 20.06 -14.45
CA THR A 74 -8.40 19.96 -13.76
C THR A 74 -7.69 21.29 -13.54
N VAL A 75 -6.95 21.41 -12.46
CA VAL A 75 -6.25 22.63 -12.16
C VAL A 75 -4.93 22.30 -11.47
N SER A 76 -3.94 23.13 -11.70
CA SER A 76 -2.63 22.90 -11.15
C SER A 76 -2.04 24.19 -10.75
N TYR A 77 -1.02 24.15 -9.92
CA TYR A 77 -0.38 25.35 -9.50
C TYR A 77 0.91 25.02 -8.81
N ASP A 78 1.92 25.82 -9.04
CA ASP A 78 3.18 25.54 -8.41
C ASP A 78 3.30 26.28 -7.09
N VAL A 79 3.64 25.57 -6.04
CA VAL A 79 3.83 26.15 -4.73
C VAL A 79 4.71 25.32 -3.82
N ASP A 80 5.49 25.99 -2.98
CA ASP A 80 6.37 25.36 -2.04
C ASP A 80 5.70 25.32 -0.72
N LEU A 81 5.25 24.15 -0.32
CA LEU A 81 4.56 24.03 0.92
C LEU A 81 5.51 24.23 2.06
N ASP A 82 6.78 23.97 1.82
CA ASP A 82 7.77 24.17 2.83
C ASP A 82 7.88 25.64 3.13
N ASN A 83 7.39 26.46 2.22
CA ASN A 83 7.44 27.88 2.40
C ASN A 83 6.15 28.45 2.90
N VAL A 84 5.06 27.76 2.68
CA VAL A 84 3.79 28.24 3.06
C VAL A 84 3.23 27.67 4.34
N LEU A 85 3.33 26.38 4.52
CA LEU A 85 2.79 25.78 5.71
C LEU A 85 3.79 25.43 6.77
N PRO A 86 3.30 25.26 7.97
CA PRO A 86 4.14 24.85 9.09
C PRO A 86 4.50 23.41 8.85
N GLU A 87 5.54 22.92 9.48
CA GLU A 87 5.93 21.56 9.18
C GLU A 87 4.99 20.43 9.56
N TRP A 88 4.13 20.64 10.53
CA TRP A 88 3.17 19.66 10.92
C TRP A 88 1.86 20.31 10.67
N VAL A 89 0.94 19.58 10.08
CA VAL A 89 -0.35 20.11 9.77
C VAL A 89 -1.43 19.09 10.04
N ARG A 90 -2.66 19.45 9.74
CA ARG A 90 -3.76 18.54 9.85
C ARG A 90 -4.42 18.65 8.52
N VAL A 91 -5.02 17.58 8.05
CA VAL A 91 -5.70 17.59 6.80
C VAL A 91 -7.18 17.42 7.08
N GLY A 92 -8.00 18.04 6.26
CA GLY A 92 -9.43 17.94 6.41
C GLY A 92 -10.31 18.31 5.25
N LEU A 93 -11.60 18.20 5.48
CA LEU A 93 -12.56 18.56 4.47
C LEU A 93 -13.45 19.63 5.07
N SER A 94 -13.87 20.59 4.28
CA SER A 94 -14.69 21.65 4.79
C SER A 94 -15.74 22.01 3.78
N ALA A 95 -16.87 22.49 4.24
CA ALA A 95 -17.93 22.86 3.36
C ALA A 95 -18.83 23.93 3.96
N SER A 96 -19.68 24.54 3.15
CA SER A 96 -20.57 25.56 3.64
C SER A 96 -21.76 25.95 2.79
N THR A 97 -22.74 26.57 3.42
CA THR A 97 -23.91 27.11 2.77
C THR A 97 -24.11 28.55 3.25
N GLY A 98 -24.86 29.31 2.51
CA GLY A 98 -25.11 30.68 2.87
C GLY A 98 -26.55 30.92 2.64
N LEU A 99 -26.90 31.86 1.78
CA LEU A 99 -28.27 32.14 1.49
C LEU A 99 -28.80 31.07 0.58
N TYR A 100 -27.91 30.43 -0.15
CA TYR A 100 -28.28 29.33 -1.00
C TYR A 100 -27.64 28.15 -0.33
N LYS A 101 -28.10 26.98 -0.64
CA LYS A 101 -27.61 25.80 -0.02
C LYS A 101 -27.47 24.58 -0.93
N GLU A 102 -26.96 23.51 -0.36
CA GLU A 102 -26.72 22.28 -1.05
C GLU A 102 -26.33 21.31 0.04
N THR A 103 -26.36 20.03 -0.25
CA THR A 103 -25.92 19.05 0.71
C THR A 103 -24.47 18.94 0.41
N ASN A 104 -23.67 18.59 1.39
CA ASN A 104 -22.26 18.43 1.17
C ASN A 104 -21.89 17.15 1.83
N THR A 105 -22.34 16.09 1.20
CA THR A 105 -22.16 14.76 1.68
C THR A 105 -20.92 14.10 1.18
N ILE A 106 -20.12 13.56 2.08
CA ILE A 106 -18.92 12.88 1.68
C ILE A 106 -19.18 11.41 1.84
N LEU A 107 -18.98 10.66 0.77
CA LEU A 107 -19.18 9.24 0.79
C LEU A 107 -17.92 8.48 1.12
N SER A 108 -16.77 8.99 0.71
CA SER A 108 -15.51 8.36 1.00
C SER A 108 -14.38 9.35 1.00
N TRP A 109 -13.29 9.03 1.65
CA TRP A 109 -12.16 9.90 1.70
C TRP A 109 -10.91 9.17 2.10
N SER A 110 -9.84 9.35 1.36
CA SER A 110 -8.58 8.75 1.71
C SER A 110 -7.44 9.72 1.51
N PHE A 111 -6.34 9.49 2.19
CA PHE A 111 -5.18 10.35 2.14
C PHE A 111 -3.91 9.55 2.29
N THR A 112 -2.86 9.97 1.61
CA THR A 112 -1.57 9.34 1.68
C THR A 112 -0.47 10.38 1.68
N SER A 113 0.46 10.30 2.60
CA SER A 113 1.58 11.21 2.68
C SER A 113 2.85 10.40 2.85
N LYS A 114 3.92 10.82 2.20
CA LYS A 114 5.20 10.16 2.27
C LYS A 114 6.30 11.15 2.47
N LEU A 115 7.20 10.85 3.37
CA LEU A 115 8.30 11.72 3.65
C LEU A 115 9.63 11.00 3.57
N LYS A 116 10.30 11.06 2.44
CA LYS A 116 11.60 10.44 2.33
C LYS A 116 12.55 11.46 2.85
N SER A 117 12.90 11.39 4.12
CA SER A 117 13.78 12.39 4.67
C SER A 117 15.25 12.15 4.38
N GLU A 122 15.27 7.35 3.46
CA GLU A 122 14.00 6.60 3.59
C GLU A 122 12.81 6.99 4.55
N THR A 123 11.66 6.85 3.92
CA THR A 123 10.31 7.14 4.33
C THR A 123 9.61 6.90 5.63
N ASN A 124 8.78 7.87 5.96
CA ASN A 124 7.86 7.87 7.06
C ASN A 124 6.55 8.08 6.35
N ALA A 125 5.54 7.28 6.61
CA ALA A 125 4.29 7.42 5.89
C ALA A 125 3.04 7.39 6.70
N LEU A 126 1.96 7.93 6.16
CA LEU A 126 0.67 7.92 6.81
C LEU A 126 -0.42 7.68 5.79
N HIS A 127 -1.28 6.73 6.02
CA HIS A 127 -2.35 6.47 5.10
C HIS A 127 -3.64 6.14 5.82
N PHE A 128 -4.72 6.74 5.35
CA PHE A 128 -6.04 6.48 5.87
C PHE A 128 -7.10 6.36 4.79
N MET A 129 -8.03 5.45 5.01
CA MET A 129 -9.08 5.19 4.08
C MET A 129 -10.38 5.16 4.82
N PHE A 130 -11.30 5.99 4.41
CA PHE A 130 -12.60 6.01 4.99
C PHE A 130 -13.54 5.65 3.87
N ASN A 131 -14.12 4.48 3.91
CA ASN A 131 -15.07 4.12 2.89
C ASN A 131 -16.48 4.18 3.40
N GLN A 132 -16.60 4.46 4.69
CA GLN A 132 -17.86 4.60 5.34
C GLN A 132 -17.59 5.32 6.63
N PHE A 133 -18.53 6.09 7.09
CA PHE A 133 -18.35 6.82 8.31
C PHE A 133 -19.31 6.34 9.35
N SER A 134 -18.81 6.10 10.55
CA SER A 134 -19.58 5.61 11.68
C SER A 134 -20.09 6.78 12.48
N LYS A 135 -21.09 6.54 13.32
CA LYS A 135 -21.71 7.58 14.11
C LYS A 135 -20.82 8.18 15.16
N ASP A 136 -19.75 7.51 15.47
CA ASP A 136 -18.86 8.00 16.46
C ASP A 136 -17.52 7.64 15.93
N GLN A 137 -17.06 8.46 15.03
CA GLN A 137 -15.81 8.26 14.35
C GLN A 137 -14.73 9.00 15.11
N LYS A 138 -14.16 8.32 16.08
CA LYS A 138 -13.16 8.91 16.95
C LYS A 138 -11.88 9.40 16.33
N ASP A 139 -11.57 8.95 15.13
CA ASP A 139 -10.36 9.39 14.49
C ASP A 139 -10.62 10.59 13.64
N LEU A 140 -11.75 11.22 13.83
CA LEU A 140 -12.07 12.42 13.12
C LEU A 140 -12.46 13.51 14.08
N ILE A 141 -12.02 14.71 13.79
CA ILE A 141 -12.39 15.86 14.57
C ILE A 141 -13.46 16.54 13.78
N LEU A 142 -14.65 16.63 14.34
CA LEU A 142 -15.71 17.29 13.65
C LEU A 142 -15.88 18.67 14.22
N GLN A 143 -16.06 19.63 13.36
CA GLN A 143 -16.22 20.99 13.75
C GLN A 143 -17.45 21.55 13.09
N GLY A 144 -18.15 22.42 13.76
CA GLY A 144 -19.36 22.99 13.19
C GLY A 144 -20.54 22.07 13.06
N ASP A 145 -21.22 22.15 11.93
CA ASP A 145 -22.38 21.35 11.69
C ASP A 145 -22.11 19.96 11.17
N ALA A 146 -20.86 19.57 11.10
CA ALA A 146 -20.48 18.28 10.60
C ALA A 146 -20.86 17.10 11.46
N THR A 147 -21.46 16.11 10.83
CA THR A 147 -21.84 14.91 11.51
C THR A 147 -21.49 13.72 10.69
N THR A 148 -21.43 12.57 11.34
CA THR A 148 -21.14 11.32 10.68
C THR A 148 -22.17 10.28 11.06
N GLY A 149 -22.19 9.21 10.30
CA GLY A 149 -23.07 8.10 10.58
C GLY A 149 -24.30 7.96 9.73
N THR A 150 -24.95 9.07 9.50
CA THR A 150 -26.14 9.02 8.72
C THR A 150 -25.86 8.45 7.36
N ASP A 151 -26.32 7.23 7.17
CA ASP A 151 -26.16 6.53 5.93
C ASP A 151 -24.75 6.07 5.76
N GLY A 152 -23.94 6.26 6.78
CA GLY A 152 -22.56 5.87 6.71
C GLY A 152 -21.81 6.91 5.93
N ASN A 153 -22.36 8.09 5.89
CA ASN A 153 -21.76 9.18 5.17
C ASN A 153 -21.31 10.27 6.09
N LEU A 154 -20.55 11.21 5.56
CA LEU A 154 -20.11 12.31 6.33
C LEU A 154 -20.86 13.52 5.82
N GLU A 155 -21.63 14.19 6.65
CA GLU A 155 -22.35 15.36 6.19
C GLU A 155 -21.69 16.57 6.73
N LEU A 156 -21.04 17.31 5.87
CA LEU A 156 -20.33 18.47 6.29
C LEU A 156 -21.21 19.55 6.82
N THR A 157 -22.29 19.85 6.13
CA THR A 157 -23.17 20.89 6.61
C THR A 157 -24.50 20.34 6.97
N ARG A 158 -25.28 21.13 7.66
CA ARG A 158 -26.59 20.76 8.16
C ARG A 158 -27.66 20.29 7.17
N VAL A 159 -28.25 19.16 7.46
CA VAL A 159 -29.32 18.61 6.66
C VAL A 159 -30.52 18.31 7.54
N SER A 160 -31.69 18.76 7.12
CA SER A 160 -32.91 18.55 7.88
C SER A 160 -33.41 17.12 7.88
N SER A 161 -34.32 16.85 8.78
CA SER A 161 -34.92 15.53 8.97
C SER A 161 -35.49 14.87 7.73
N ASN A 162 -35.56 15.61 6.65
CA ASN A 162 -36.11 15.04 5.47
C ASN A 162 -35.25 15.23 4.25
N GLY A 163 -33.97 15.05 4.43
CA GLY A 163 -33.02 15.16 3.35
C GLY A 163 -32.82 16.52 2.75
N SER A 164 -33.23 17.55 3.45
CA SER A 164 -33.07 18.88 2.94
C SER A 164 -31.95 19.66 3.61
N PRO A 165 -31.22 20.43 2.83
CA PRO A 165 -30.10 21.23 3.31
C PRO A 165 -30.46 22.56 3.90
N GLN A 166 -29.79 22.93 4.98
CA GLN A 166 -30.04 24.20 5.61
C GLN A 166 -29.05 25.21 5.12
N GLY A 167 -29.46 26.46 5.09
CA GLY A 167 -28.60 27.52 4.65
C GLY A 167 -27.72 27.97 5.78
N SER A 168 -26.86 28.91 5.50
CA SER A 168 -25.95 29.45 6.47
C SER A 168 -25.32 28.43 7.38
N SER A 169 -24.90 27.31 6.84
CA SER A 169 -24.25 26.30 7.66
C SER A 169 -22.80 26.12 7.34
N VAL A 170 -22.06 25.59 8.27
CA VAL A 170 -20.65 25.33 8.06
C VAL A 170 -20.13 24.19 8.91
N GLY A 171 -19.27 23.37 8.32
CA GLY A 171 -18.69 22.24 8.98
C GLY A 171 -17.41 21.71 8.37
N ARG A 172 -16.61 21.04 9.19
CA ARG A 172 -15.35 20.48 8.73
C ARG A 172 -15.04 19.21 9.45
N ALA A 173 -14.19 18.40 8.85
CA ALA A 173 -13.72 17.16 9.44
C ALA A 173 -12.23 17.09 9.27
N LEU A 174 -11.52 16.83 10.34
CA LEU A 174 -10.10 16.75 10.26
C LEU A 174 -9.61 15.43 10.76
N PHE A 175 -8.55 14.92 10.16
CA PHE A 175 -8.01 13.67 10.60
C PHE A 175 -7.35 13.95 11.91
N TYR A 176 -7.55 13.08 12.86
CA TYR A 176 -7.05 13.27 14.20
C TYR A 176 -5.57 13.47 14.36
N ALA A 177 -4.79 12.68 13.65
CA ALA A 177 -3.38 12.80 13.80
C ALA A 177 -2.76 13.86 12.94
N PRO A 178 -1.77 14.54 13.47
CA PRO A 178 -1.06 15.54 12.71
C PRO A 178 -0.21 14.89 11.64
N VAL A 179 0.02 15.57 10.54
CA VAL A 179 0.81 15.05 9.47
C VAL A 179 2.03 15.87 9.20
N HIS A 180 3.14 15.21 9.02
CA HIS A 180 4.41 15.85 8.75
C HIS A 180 4.59 16.09 7.26
N ILE A 181 4.47 17.34 6.81
CA ILE A 181 4.61 17.61 5.40
C ILE A 181 5.92 18.17 4.91
N TRP A 182 6.84 18.50 5.79
CA TRP A 182 8.13 18.98 5.35
C TRP A 182 9.12 18.92 6.46
N GLU A 183 10.34 18.52 6.15
CA GLU A 183 11.35 18.40 7.19
C GLU A 183 12.35 19.52 7.17
N SER A 184 12.56 20.09 6.00
CA SER A 184 13.49 21.17 5.71
C SER A 184 14.67 20.55 5.00
N SER A 185 15.20 19.48 5.54
CA SER A 185 16.26 18.76 4.89
C SER A 185 15.58 17.65 4.12
N ALA A 186 14.37 17.92 3.65
CA ALA A 186 13.57 16.96 2.92
C ALA A 186 12.27 17.65 2.57
N VAL A 187 12.26 18.28 1.41
CA VAL A 187 11.12 19.02 0.93
C VAL A 187 9.80 18.27 0.75
N VAL A 188 9.82 16.94 0.70
CA VAL A 188 8.61 16.12 0.55
C VAL A 188 7.71 16.49 1.70
N ALA A 189 6.56 15.93 1.88
CA ALA A 189 5.90 14.88 1.15
C ALA A 189 5.55 15.72 0.00
N SER A 190 4.92 15.27 -1.06
CA SER A 190 4.44 13.94 -1.35
C SER A 190 3.17 13.45 -0.69
N PHE A 191 2.04 13.83 -1.27
CA PHE A 191 0.78 13.38 -0.77
C PHE A 191 -0.30 13.30 -1.82
N GLU A 192 -1.33 12.54 -1.53
CA GLU A 192 -2.47 12.38 -2.40
C GLU A 192 -3.76 12.21 -1.61
N ALA A 193 -4.77 12.95 -1.99
CA ALA A 193 -6.05 12.85 -1.33
C ALA A 193 -7.15 12.56 -2.31
N THR A 194 -8.12 11.79 -1.87
CA THR A 194 -9.26 11.43 -2.68
C THR A 194 -10.51 11.47 -1.85
N PHE A 195 -11.56 12.02 -2.41
CA PHE A 195 -12.83 12.02 -1.75
C PHE A 195 -13.95 11.86 -2.76
N THR A 196 -15.05 11.36 -2.29
CA THR A 196 -16.21 11.11 -3.10
C THR A 196 -17.30 11.99 -2.51
N PHE A 197 -18.08 12.65 -3.33
CA PHE A 197 -19.10 13.55 -2.82
C PHE A 197 -20.44 13.59 -3.56
N LEU A 198 -21.46 14.03 -2.85
CA LEU A 198 -22.79 14.15 -3.40
C LEU A 198 -23.42 15.49 -3.09
N ILE A 199 -23.45 16.37 -4.06
CA ILE A 199 -24.02 17.67 -3.87
C ILE A 199 -25.31 17.82 -4.63
N LYS A 200 -26.39 17.97 -3.90
CA LYS A 200 -27.66 18.17 -4.52
C LYS A 200 -28.41 19.32 -3.90
N SER A 201 -28.97 20.14 -4.74
CA SER A 201 -29.71 21.27 -4.26
C SER A 201 -31.06 21.27 -4.91
N PRO A 202 -32.08 21.14 -4.11
CA PRO A 202 -33.43 21.15 -4.64
C PRO A 202 -33.74 22.48 -5.29
N ASP A 203 -32.80 23.40 -5.16
CA ASP A 203 -32.92 24.71 -5.72
C ASP A 203 -32.15 24.72 -6.99
N SER A 204 -32.53 25.60 -7.89
CA SER A 204 -31.79 25.72 -9.12
C SER A 204 -30.46 26.41 -8.79
N HIS A 205 -30.32 26.82 -7.55
CA HIS A 205 -29.10 27.49 -7.14
C HIS A 205 -28.42 26.91 -5.92
N PRO A 206 -27.35 26.17 -6.14
CA PRO A 206 -26.58 25.56 -5.06
C PRO A 206 -25.40 26.37 -4.58
N ALA A 207 -25.06 26.24 -3.33
CA ALA A 207 -23.92 26.94 -2.79
C ALA A 207 -23.63 26.27 -1.50
N ASP A 208 -22.42 26.40 -0.97
CA ASP A 208 -21.34 27.17 -1.57
C ASP A 208 -20.17 26.37 -2.08
N GLY A 209 -20.00 25.15 -1.62
CA GLY A 209 -18.91 24.33 -2.05
C GLY A 209 -18.27 23.46 -1.01
N ILE A 210 -17.34 22.64 -1.44
CA ILE A 210 -16.62 21.75 -0.58
C ILE A 210 -15.15 21.96 -0.82
N ALA A 211 -14.36 21.74 0.21
CA ALA A 211 -12.95 21.87 0.06
C ALA A 211 -12.10 20.89 0.85
N PHE A 212 -10.98 20.51 0.26
CA PHE A 212 -10.01 19.69 0.92
C PHE A 212 -8.99 20.72 1.35
N PHE A 213 -8.49 20.65 2.57
CA PHE A 213 -7.55 21.64 3.03
C PHE A 213 -6.49 21.10 3.94
N ILE A 214 -5.41 21.85 4.07
CA ILE A 214 -4.30 21.54 4.92
C ILE A 214 -4.13 22.76 5.78
N SER A 215 -3.92 22.58 7.06
CA SER A 215 -3.82 23.69 7.97
C SER A 215 -2.94 23.46 9.17
N ASN A 216 -2.80 24.49 9.98
CA ASN A 216 -2.04 24.36 11.18
C ASN A 216 -2.84 23.38 12.01
N ILE A 217 -2.17 22.64 12.86
CA ILE A 217 -2.86 21.64 13.64
C ILE A 217 -4.04 22.12 14.47
N ASP A 218 -3.97 23.32 15.00
CA ASP A 218 -5.04 23.83 15.84
C ASP A 218 -6.06 24.65 15.11
N SER A 219 -6.10 24.52 13.82
CA SER A 219 -7.03 25.27 13.01
C SER A 219 -8.46 24.98 13.37
N SER A 220 -9.29 25.99 13.29
CA SER A 220 -10.69 25.82 13.58
C SER A 220 -11.47 26.74 12.72
N ILE A 221 -12.75 26.46 12.59
CA ILE A 221 -13.63 27.29 11.78
C ILE A 221 -13.63 28.73 12.25
N PRO A 222 -13.24 29.64 11.39
CA PRO A 222 -13.25 31.03 11.78
C PRO A 222 -14.67 31.47 11.88
N SER A 223 -14.96 32.17 12.96
CA SER A 223 -16.28 32.69 13.22
C SER A 223 -16.78 33.43 12.00
N GLY A 224 -17.92 33.06 11.48
CA GLY A 224 -18.46 33.70 10.32
C GLY A 224 -18.06 33.20 8.95
N SER A 225 -17.35 32.10 8.85
CA SER A 225 -16.92 31.58 7.56
C SER A 225 -17.97 30.82 6.78
N THR A 226 -19.20 31.28 6.81
CA THR A 226 -20.25 30.64 6.09
C THR A 226 -20.25 31.17 4.70
N GLY A 227 -21.13 30.66 3.88
CA GLY A 227 -21.21 31.11 2.52
C GLY A 227 -19.94 31.06 1.75
N ARG A 228 -19.66 32.13 1.05
CA ARG A 228 -18.50 32.24 0.20
C ARG A 228 -17.19 31.90 0.86
N LEU A 229 -17.13 31.94 2.17
CA LEU A 229 -15.90 31.69 2.85
C LEU A 229 -15.54 30.24 3.07
N LEU A 230 -16.46 29.36 2.74
CA LEU A 230 -16.27 27.94 2.75
C LEU A 230 -15.78 27.29 4.01
N GLY A 231 -15.80 28.00 5.10
CA GLY A 231 -15.33 27.47 6.36
C GLY A 231 -13.83 27.55 6.49
N LEU A 232 -13.20 28.18 5.53
CA LEU A 232 -11.76 28.25 5.54
C LEU A 232 -11.15 29.56 5.92
N PHE A 233 -11.72 30.63 5.44
CA PHE A 233 -11.17 31.92 5.67
C PHE A 233 -12.03 32.85 6.45
N PRO A 234 -11.43 33.77 7.16
CA PRO A 234 -12.18 34.69 7.97
C PRO A 234 -12.67 35.90 7.20
N ASP A 235 -12.09 36.20 6.06
CA ASP A 235 -12.53 37.33 5.29
C ASP A 235 -12.30 37.02 3.85
N ALA A 236 -12.38 38.00 2.97
CA ALA A 236 -12.19 37.74 1.57
C ALA A 236 -10.98 38.39 0.97
N ASN A 237 -9.99 38.62 1.79
CA ASN A 237 -8.78 39.22 1.30
C ASN A 237 -8.07 38.22 0.41
N ALA B 1 -9.66 0.46 35.59
CA ALA B 1 -8.34 0.44 34.98
C ALA B 1 -8.36 0.29 33.47
N ASP B 2 -7.18 0.20 32.89
CA ASP B 2 -7.07 0.08 31.47
C ASP B 2 -7.27 -1.32 31.01
N THR B 3 -7.60 -1.46 29.74
CA THR B 3 -7.76 -2.76 29.14
C THR B 3 -6.61 -2.91 28.21
N ILE B 4 -5.81 -3.92 28.41
CA ILE B 4 -4.65 -4.12 27.62
C ILE B 4 -4.53 -5.47 26.99
N VAL B 5 -3.96 -5.47 25.79
CA VAL B 5 -3.62 -6.64 25.02
C VAL B 5 -2.21 -6.38 24.53
N ALA B 6 -1.28 -7.28 24.78
CA ALA B 6 0.04 -7.02 24.35
C ALA B 6 0.87 -8.20 23.96
N VAL B 7 1.97 -7.90 23.29
CA VAL B 7 2.93 -8.89 22.94
C VAL B 7 4.16 -8.38 23.63
N GLU B 8 4.68 -9.18 24.53
CA GLU B 8 5.79 -8.77 25.26
C GLU B 8 7.01 -9.49 24.90
N LEU B 9 8.11 -8.82 25.06
CA LEU B 9 9.37 -9.41 24.83
C LEU B 9 9.97 -9.42 26.24
N THR B 11 12.18 -9.86 28.83
CA THR B 11 13.63 -9.99 28.87
C THR B 11 14.22 -10.53 30.18
N TYR B 12 13.45 -10.45 31.25
CA TYR B 12 13.83 -10.84 32.57
C TYR B 12 12.81 -11.71 33.25
N PRO B 13 13.26 -12.84 33.75
CA PRO B 13 12.37 -13.79 34.40
C PRO B 13 11.99 -13.49 35.83
N ASN B 14 10.70 -13.35 36.03
CA ASN B 14 10.12 -13.07 37.30
C ASN B 14 9.29 -14.30 37.60
N THR B 15 9.95 -15.38 37.95
CA THR B 15 9.28 -16.64 38.21
C THR B 15 8.20 -16.60 39.30
N ASP B 16 8.36 -15.73 40.28
CA ASP B 16 7.35 -15.64 41.30
C ASP B 16 6.04 -15.11 40.75
N ILE B 17 6.02 -14.64 39.51
CA ILE B 17 4.76 -14.16 38.97
C ILE B 17 4.35 -14.91 37.74
N GLY B 18 4.87 -16.12 37.58
CA GLY B 18 4.52 -16.93 36.44
C GLY B 18 5.48 -17.03 35.28
N ASP B 19 6.40 -16.10 35.16
CA ASP B 19 7.30 -16.17 34.05
C ASP B 19 8.09 -17.45 34.11
N PRO B 20 8.57 -17.87 32.96
CA PRO B 20 9.41 -19.05 32.87
C PRO B 20 10.81 -18.62 33.18
N SER B 21 11.70 -19.57 33.38
CA SER B 21 13.06 -19.29 33.74
C SER B 21 13.95 -18.72 32.66
N TYR B 22 13.39 -18.44 31.50
CA TYR B 22 14.19 -17.92 30.43
C TYR B 22 13.58 -16.71 29.76
N PRO B 23 14.33 -16.00 28.97
CA PRO B 23 13.68 -14.95 28.22
C PRO B 23 12.74 -15.69 27.21
N HIS B 24 11.59 -15.06 27.41
CA HIS B 24 10.27 -15.16 26.98
C HIS B 24 9.73 -13.96 26.29
N ILE B 25 9.21 -14.41 25.24
CA ILE B 25 8.22 -13.88 24.25
C ILE B 25 6.77 -14.18 24.61
N GLY B 26 5.86 -13.21 24.72
CA GLY B 26 4.53 -13.58 25.11
C GLY B 26 3.31 -12.77 24.74
N ILE B 27 2.16 -13.38 24.93
CA ILE B 27 0.92 -12.73 24.61
C ILE B 27 0.14 -12.44 25.88
N ASP B 28 -0.08 -11.17 26.18
CA ASP B 28 -0.79 -10.77 27.37
C ASP B 28 -2.20 -10.26 27.17
N ILE B 29 -3.13 -10.89 27.84
CA ILE B 29 -4.51 -10.48 27.73
C ILE B 29 -5.02 -10.01 29.07
N LYS B 30 -4.93 -8.72 29.31
CA LYS B 30 -5.38 -8.14 30.55
C LYS B 30 -4.60 -8.58 31.75
N SER B 31 -3.39 -9.05 31.57
CA SER B 31 -2.59 -9.48 32.69
C SER B 31 -1.19 -9.64 32.22
N VAL B 32 -0.25 -9.38 33.09
CA VAL B 32 1.14 -9.49 32.77
C VAL B 32 1.59 -10.93 32.76
N ARG B 33 0.72 -11.79 33.26
CA ARG B 33 0.99 -13.20 33.26
C ARG B 33 0.50 -13.68 31.90
N SER B 34 1.41 -13.73 30.94
CA SER B 34 1.08 -14.09 29.59
C SER B 34 0.27 -15.33 29.40
N LYS B 35 -0.74 -15.27 28.54
CA LYS B 35 -1.55 -16.45 28.26
C LYS B 35 -0.74 -17.48 27.53
N LYS B 36 0.28 -17.06 26.83
CA LYS B 36 1.14 -17.96 26.09
C LYS B 36 2.52 -17.38 25.90
N THR B 37 3.51 -18.24 25.88
CA THR B 37 4.86 -17.80 25.74
C THR B 37 5.70 -18.78 24.99
N ALA B 38 6.89 -18.36 24.63
CA ALA B 38 7.82 -19.19 23.92
C ALA B 38 9.19 -18.69 24.21
N LYS B 39 10.15 -19.58 24.17
CA LYS B 39 11.52 -19.27 24.44
C LYS B 39 12.07 -18.32 23.42
N TRP B 40 12.65 -17.24 23.91
CA TRP B 40 13.23 -16.24 23.08
C TRP B 40 14.72 -16.15 23.34
N ASN B 41 15.54 -16.58 22.40
CA ASN B 41 16.97 -16.51 22.58
C ASN B 41 17.48 -15.16 22.27
N MET B 42 17.40 -14.29 23.23
CA MET B 42 17.81 -12.91 23.06
C MET B 42 19.29 -12.72 22.76
N GLN B 43 19.59 -11.74 21.92
CA GLN B 43 20.94 -11.46 21.54
C GLN B 43 21.26 -10.06 21.96
N ASN B 44 22.08 -9.89 22.98
CA ASN B 44 22.41 -8.55 23.46
C ASN B 44 23.20 -7.74 22.47
N GLY B 45 22.72 -6.52 22.24
CA GLY B 45 23.36 -5.62 21.35
C GLY B 45 23.14 -5.81 19.87
N LYS B 46 22.29 -6.73 19.48
CA LYS B 46 22.03 -6.91 18.07
C LYS B 46 20.61 -6.46 17.71
N VAL B 47 20.43 -5.95 16.52
CA VAL B 47 19.13 -5.46 16.08
C VAL B 47 18.12 -6.52 15.75
N GLY B 48 16.99 -6.49 16.43
CA GLY B 48 15.94 -7.45 16.21
C GLY B 48 14.74 -6.91 15.47
N THR B 49 13.85 -7.81 15.11
CA THR B 49 12.64 -7.48 14.40
C THR B 49 11.49 -8.21 15.03
N ALA B 50 10.38 -7.51 15.17
CA ALA B 50 9.19 -8.10 15.72
C ALA B 50 8.04 -7.92 14.77
N HIS B 51 7.29 -8.98 14.57
CA HIS B 51 6.15 -8.99 13.69
C HIS B 51 4.94 -9.52 14.42
N ILE B 52 3.87 -8.75 14.43
CA ILE B 52 2.66 -9.14 15.11
C ILE B 52 1.54 -9.06 14.14
N ILE B 53 0.69 -10.05 14.18
CA ILE B 53 -0.43 -10.09 13.28
C ILE B 53 -1.62 -10.74 13.93
N TYR B 54 -2.78 -10.25 13.54
CA TYR B 54 -4.05 -10.72 14.01
C TYR B 54 -5.02 -10.66 12.87
N ASN B 55 -5.79 -11.70 12.70
CA ASN B 55 -6.81 -11.68 11.67
C ASN B 55 -8.10 -12.10 12.29
N SER B 56 -9.15 -11.45 11.87
CA SER B 56 -10.47 -11.67 12.38
C SER B 56 -11.05 -12.98 11.94
N VAL B 57 -10.43 -13.60 10.97
CA VAL B 57 -10.93 -14.83 10.48
C VAL B 57 -10.62 -15.89 11.47
N ASP B 58 -9.34 -16.06 11.75
CA ASP B 58 -8.91 -17.06 12.69
C ASP B 58 -9.10 -16.60 14.11
N LYS B 59 -9.23 -15.30 14.30
CA LYS B 59 -9.35 -14.73 15.61
C LYS B 59 -8.14 -15.18 16.40
N ARG B 60 -6.98 -15.05 15.80
CA ARG B 60 -5.78 -15.47 16.47
C ARG B 60 -4.64 -14.46 16.37
N LEU B 61 -3.98 -14.23 17.48
CA LEU B 61 -2.90 -13.30 17.54
C LEU B 61 -1.59 -14.03 17.53
N SER B 62 -0.67 -13.62 16.69
CA SER B 62 0.59 -14.26 16.57
C SER B 62 1.69 -13.27 16.59
N ALA B 63 2.87 -13.70 16.96
CA ALA B 63 4.02 -12.85 16.99
C ALA B 63 5.26 -13.62 16.69
N VAL B 64 6.20 -12.98 16.04
CA VAL B 64 7.42 -13.59 15.69
C VAL B 64 8.49 -12.58 15.92
N VAL B 65 9.59 -12.99 16.51
CA VAL B 65 10.71 -12.09 16.73
C VAL B 65 11.96 -12.76 16.19
N SER B 66 12.85 -12.00 15.58
CA SER B 66 14.02 -12.63 15.02
C SER B 66 15.21 -11.75 14.74
N TYR B 67 16.34 -12.38 14.51
CA TYR B 67 17.56 -11.68 14.23
C TYR B 67 18.12 -12.21 12.96
N PRO B 68 18.90 -11.42 12.25
CA PRO B 68 19.45 -11.89 11.01
C PRO B 68 20.19 -13.19 11.20
N ASN B 69 19.88 -14.16 10.37
CA ASN B 69 20.52 -15.43 10.48
C ASN B 69 20.51 -15.96 11.89
N ALA B 70 19.32 -16.28 12.37
CA ALA B 70 19.15 -16.86 13.67
C ALA B 70 17.77 -17.45 13.60
N ASP B 71 17.43 -18.34 14.50
CA ASP B 71 16.11 -18.91 14.48
C ASP B 71 15.25 -17.94 15.21
N SER B 72 14.00 -17.82 14.79
CA SER B 72 13.08 -16.92 15.41
C SER B 72 12.21 -17.62 16.40
N ALA B 73 11.51 -16.86 17.22
CA ALA B 73 10.61 -17.42 18.18
C ALA B 73 9.26 -16.95 17.75
N THR B 74 8.26 -17.73 18.04
CA THR B 74 6.92 -17.40 17.66
C THR B 74 5.95 -17.94 18.68
N VAL B 75 4.88 -17.21 18.88
CA VAL B 75 3.88 -17.56 19.83
C VAL B 75 2.55 -17.21 19.22
N SER B 76 1.54 -17.98 19.53
CA SER B 76 0.24 -17.75 18.99
C SER B 76 -0.77 -17.93 20.04
N TYR B 77 -1.90 -17.27 19.89
CA TYR B 77 -2.93 -17.39 20.86
C TYR B 77 -4.29 -17.04 20.33
N ASP B 78 -5.24 -17.94 20.54
CA ASP B 78 -6.59 -17.70 20.11
C ASP B 78 -7.26 -16.73 21.03
N VAL B 79 -7.89 -15.71 20.47
CA VAL B 79 -8.60 -14.70 21.24
C VAL B 79 -9.37 -13.72 20.38
N ASP B 80 -10.59 -13.44 20.80
CA ASP B 80 -11.46 -12.54 20.07
C ASP B 80 -11.40 -11.18 20.67
N LEU B 81 -10.62 -10.33 20.05
CA LEU B 81 -10.41 -8.99 20.52
C LEU B 81 -11.68 -8.25 20.79
N ASP B 82 -12.64 -8.66 20.00
CA ASP B 82 -14.02 -8.34 19.96
C ASP B 82 -14.60 -8.36 21.37
N ASN B 83 -14.20 -9.32 22.18
CA ASN B 83 -14.71 -9.40 23.52
C ASN B 83 -13.77 -8.94 24.57
N VAL B 84 -12.62 -8.43 24.18
CA VAL B 84 -11.66 -7.98 25.15
C VAL B 84 -11.47 -6.49 25.15
N LEU B 85 -11.36 -5.91 23.98
CA LEU B 85 -11.10 -4.51 23.89
C LEU B 85 -12.29 -3.75 23.46
N PRO B 86 -12.27 -2.46 23.72
CA PRO B 86 -13.34 -1.57 23.33
C PRO B 86 -13.29 -1.38 21.84
N GLU B 87 -14.30 -0.77 21.28
CA GLU B 87 -14.38 -0.56 19.86
C GLU B 87 -13.23 0.26 19.30
N TRP B 88 -12.88 1.31 19.98
CA TRP B 88 -11.80 2.14 19.56
C TRP B 88 -10.71 1.95 20.55
N VAL B 89 -9.49 2.03 20.08
CA VAL B 89 -8.31 1.86 20.90
C VAL B 89 -7.15 2.70 20.39
N ARG B 90 -6.03 2.60 21.07
CA ARG B 90 -4.82 3.25 20.65
C ARG B 90 -3.82 2.14 20.65
N VAL B 91 -2.81 2.25 19.82
CA VAL B 91 -1.74 1.28 19.71
C VAL B 91 -0.43 1.93 20.08
N GLY B 92 0.45 1.22 20.76
CA GLY B 92 1.71 1.77 21.16
C GLY B 92 2.81 0.81 21.44
N LEU B 93 3.92 1.34 21.92
CA LEU B 93 5.09 0.57 22.28
C LEU B 93 5.41 0.91 23.71
N SER B 94 5.76 -0.09 24.51
CA SER B 94 6.05 0.15 25.89
C SER B 94 7.31 -0.59 26.28
N ALA B 95 8.00 -0.10 27.30
CA ALA B 95 9.19 -0.74 27.80
C ALA B 95 9.51 -0.25 29.19
N SER B 96 10.32 -0.99 29.92
CA SER B 96 10.70 -0.64 31.28
C SER B 96 11.96 -1.29 31.78
N THR B 97 12.44 -0.81 32.90
CA THR B 97 13.61 -1.32 33.61
C THR B 97 13.36 -1.22 35.11
N GLY B 98 14.12 -1.94 35.91
CA GLY B 98 13.92 -1.90 37.34
C GLY B 98 15.26 -1.87 37.98
N LEU B 99 15.56 -2.92 38.72
CA LEU B 99 16.85 -3.02 39.33
C LEU B 99 17.83 -3.23 38.24
N TYR B 100 17.43 -3.96 37.22
CA TYR B 100 18.28 -4.19 36.08
C TYR B 100 17.78 -3.35 34.97
N LYS B 101 18.59 -3.19 33.95
CA LYS B 101 18.21 -2.35 32.86
C LYS B 101 18.75 -2.78 31.53
N GLU B 102 18.44 -1.98 30.52
CA GLU B 102 18.82 -2.24 29.19
C GLU B 102 18.34 -1.07 28.41
N THR B 103 18.89 -0.85 27.26
CA THR B 103 18.41 0.20 26.43
C THR B 103 17.19 -0.39 25.75
N ASN B 104 16.19 0.41 25.49
CA ASN B 104 14.98 -0.03 24.84
C ASN B 104 14.74 0.86 23.66
N THR B 105 15.66 0.81 22.73
CA THR B 105 15.66 1.60 21.53
C THR B 105 14.87 1.02 20.41
N ILE B 106 14.00 1.84 19.86
CA ILE B 106 13.16 1.45 18.77
C ILE B 106 13.69 2.10 17.53
N LEU B 107 14.10 1.30 16.56
CA LEU B 107 14.62 1.87 15.34
C LEU B 107 13.56 2.11 14.29
N SER B 108 12.47 1.38 14.34
CA SER B 108 11.40 1.57 13.41
C SER B 108 10.12 0.96 13.94
N TRP B 109 9.00 1.37 13.38
CA TRP B 109 7.74 0.89 13.80
C TRP B 109 6.68 1.13 12.74
N SER B 110 5.99 0.10 12.35
CA SER B 110 4.94 0.20 11.35
C SER B 110 3.68 -0.49 11.82
N PHE B 111 2.56 -0.07 11.27
CA PHE B 111 1.28 -0.60 11.65
C PHE B 111 0.21 -0.49 10.58
N THR B 112 -0.63 -1.51 10.48
CA THR B 112 -1.76 -1.52 9.56
C THR B 112 -3.00 -2.12 10.15
N SER B 113 -4.09 -1.42 10.01
CA SER B 113 -5.36 -1.88 10.49
C SER B 113 -6.29 -1.85 9.30
N LYS B 114 -7.21 -2.79 9.23
CA LYS B 114 -8.17 -2.86 8.16
C LYS B 114 -9.49 -3.35 8.75
N LEU B 115 -10.58 -2.66 8.45
CA LEU B 115 -11.89 -3.01 8.93
C LEU B 115 -12.84 -3.10 7.77
N LYS B 116 -13.07 -4.31 7.28
CA LYS B 116 -13.94 -4.52 6.13
C LYS B 116 -15.37 -4.74 6.50
N GLU B 122 -17.22 -1.63 2.22
CA GLU B 122 -16.58 -0.37 2.22
C GLU B 122 -15.50 -0.65 3.27
N THR B 123 -14.24 -0.70 2.87
CA THR B 123 -13.15 -0.96 3.80
C THR B 123 -12.54 0.26 4.35
N ASN B 124 -12.28 0.26 5.64
CA ASN B 124 -11.64 1.38 6.27
C ASN B 124 -10.27 0.95 6.72
N ALA B 125 -9.29 1.82 6.55
CA ALA B 125 -7.94 1.49 6.92
C ALA B 125 -7.09 2.59 7.47
N LEU B 126 -6.07 2.19 8.20
CA LEU B 126 -5.08 3.05 8.77
C LEU B 126 -3.74 2.37 8.68
N HIS B 127 -2.74 3.11 8.26
CA HIS B 127 -1.40 2.60 8.19
C HIS B 127 -0.41 3.71 8.47
N PHE B 128 0.62 3.39 9.23
CA PHE B 128 1.67 4.33 9.49
C PHE B 128 3.01 3.62 9.46
N MET B 129 4.05 4.31 9.03
CA MET B 129 5.40 3.80 8.90
C MET B 129 6.32 4.80 9.56
N PHE B 130 7.14 4.37 10.49
CA PHE B 130 8.12 5.24 11.13
C PHE B 130 9.48 4.61 10.91
N ASN B 131 10.32 5.18 10.06
CA ASN B 131 11.66 4.68 9.83
C ASN B 131 12.70 5.57 10.44
N GLN B 132 12.25 6.71 10.90
CA GLN B 132 13.09 7.67 11.58
C GLN B 132 12.17 8.41 12.52
N PHE B 133 12.71 8.89 13.63
CA PHE B 133 11.91 9.58 14.60
C PHE B 133 12.54 10.91 14.81
N SER B 134 11.72 11.94 14.86
CA SER B 134 12.18 13.29 15.04
C SER B 134 11.97 13.76 16.45
N LYS B 135 12.73 14.77 16.85
CA LYS B 135 12.67 15.36 18.17
C LYS B 135 11.31 15.89 18.53
N ASP B 136 10.51 16.19 17.54
CA ASP B 136 9.20 16.65 17.81
C ASP B 136 8.24 15.87 16.94
N GLN B 137 7.97 14.64 17.33
CA GLN B 137 7.12 13.76 16.60
C GLN B 137 5.69 13.93 17.06
N LYS B 138 4.99 14.88 16.50
CA LYS B 138 3.63 15.18 16.91
C LYS B 138 2.54 14.11 16.73
N ASP B 139 2.81 13.08 15.96
CA ASP B 139 1.83 12.05 15.78
C ASP B 139 2.10 10.89 16.75
N LEU B 140 2.91 11.13 17.74
CA LEU B 140 3.18 10.16 18.73
C LEU B 140 2.83 10.82 20.02
N ILE B 141 2.41 10.04 20.98
CA ILE B 141 2.10 10.54 22.27
C ILE B 141 3.10 9.85 23.14
N LEU B 142 4.03 10.60 23.66
CA LEU B 142 5.04 10.02 24.51
C LEU B 142 4.55 10.05 25.92
N GLN B 143 4.80 8.99 26.64
CA GLN B 143 4.39 8.89 28.00
C GLN B 143 5.57 8.49 28.84
N GLY B 144 5.71 9.10 29.99
CA GLY B 144 6.76 8.76 30.89
C GLY B 144 8.10 9.24 30.46
N ASP B 145 9.03 8.33 30.38
CA ASP B 145 10.40 8.59 30.01
C ASP B 145 10.75 8.52 28.55
N ALA B 146 9.83 8.16 27.70
CA ALA B 146 10.11 8.04 26.30
C ALA B 146 10.54 9.33 25.65
N THR B 147 11.48 9.26 24.74
CA THR B 147 11.96 10.43 24.03
C THR B 147 12.28 10.07 22.62
N THR B 148 12.27 11.06 21.74
CA THR B 148 12.56 10.87 20.33
C THR B 148 13.64 11.83 19.90
N GLY B 149 14.41 11.46 18.90
CA GLY B 149 15.45 12.34 18.42
C GLY B 149 16.86 11.79 18.35
N THR B 150 17.31 11.21 19.44
CA THR B 150 18.66 10.67 19.50
C THR B 150 18.93 9.74 18.35
N ASP B 151 19.72 10.23 17.41
CA ASP B 151 20.07 9.43 16.26
C ASP B 151 18.81 9.03 15.51
N GLY B 152 17.75 9.77 15.70
CA GLY B 152 16.52 9.46 15.03
C GLY B 152 15.83 8.22 15.53
N ASN B 153 16.06 7.87 16.77
CA ASN B 153 15.44 6.71 17.34
C ASN B 153 14.50 7.09 18.43
N LEU B 154 13.63 6.17 18.78
CA LEU B 154 12.70 6.34 19.84
C LEU B 154 13.22 5.55 21.04
N GLU B 155 13.54 6.23 22.12
CA GLU B 155 14.06 5.57 23.31
C GLU B 155 12.96 5.48 24.31
N LEU B 156 12.48 4.29 24.53
CA LEU B 156 11.39 4.10 25.43
C LEU B 156 11.74 4.37 26.86
N THR B 157 12.91 3.93 27.31
CA THR B 157 13.30 4.20 28.66
C THR B 157 14.49 5.13 28.65
N ARG B 158 14.89 5.57 29.82
CA ARG B 158 15.98 6.51 29.97
C ARG B 158 17.41 6.04 29.61
N VAL B 159 18.10 6.83 28.82
CA VAL B 159 19.44 6.51 28.43
C VAL B 159 20.27 7.75 28.64
N SER B 160 21.54 7.58 28.99
CA SER B 160 22.38 8.72 29.26
C SER B 160 23.03 9.27 28.02
N SER B 161 23.70 10.39 28.18
CA SER B 161 24.38 11.01 27.07
C SER B 161 25.22 10.02 26.28
N ASN B 162 25.85 9.07 26.95
CA ASN B 162 26.68 8.12 26.23
C ASN B 162 25.96 6.87 25.80
N GLY B 163 24.66 6.84 25.99
CA GLY B 163 23.89 5.69 25.62
C GLY B 163 23.84 4.66 26.72
N SER B 164 24.11 5.05 27.95
CA SER B 164 24.06 4.13 29.07
C SER B 164 22.67 4.12 29.62
N PRO B 165 22.11 2.95 29.83
CA PRO B 165 20.74 2.84 30.34
C PRO B 165 20.60 3.04 31.83
N GLN B 166 19.39 3.24 32.29
CA GLN B 166 19.16 3.46 33.67
C GLN B 166 18.00 2.68 34.19
N GLY B 167 18.09 2.26 35.44
CA GLY B 167 17.07 1.48 36.08
C GLY B 167 15.86 2.27 36.48
N SER B 168 14.88 1.60 37.00
CA SER B 168 13.65 2.26 37.41
C SER B 168 13.13 3.28 36.43
N SER B 169 12.95 2.88 35.18
CA SER B 169 12.46 3.74 34.12
C SER B 169 11.32 3.10 33.34
N VAL B 170 10.35 3.88 32.92
CA VAL B 170 9.25 3.34 32.17
C VAL B 170 8.77 4.35 31.17
N GLY B 171 8.54 3.90 29.95
CA GLY B 171 8.07 4.77 28.90
C GLY B 171 7.29 4.08 27.82
N ARG B 172 6.38 4.83 27.23
CA ARG B 172 5.55 4.30 26.18
C ARG B 172 5.42 5.32 25.07
N ALA B 173 5.00 4.90 23.90
CA ALA B 173 4.77 5.77 22.79
C ALA B 173 3.52 5.29 22.09
N LEU B 174 2.51 6.13 22.02
CA LEU B 174 1.29 5.74 21.40
C LEU B 174 1.01 6.56 20.18
N PHE B 175 0.48 5.93 19.14
CA PHE B 175 0.15 6.63 17.92
C PHE B 175 -0.98 7.55 18.21
N TYR B 176 -0.89 8.76 17.71
CA TYR B 176 -1.83 9.79 18.01
C TYR B 176 -3.26 9.50 17.70
N ALA B 177 -3.52 8.93 16.55
CA ALA B 177 -4.87 8.65 16.18
C ALA B 177 -5.44 7.34 16.70
N PRO B 178 -6.67 7.38 17.15
CA PRO B 178 -7.36 6.20 17.62
C PRO B 178 -7.61 5.24 16.47
N VAL B 179 -7.69 3.96 16.78
CA VAL B 179 -7.88 2.96 15.75
C VAL B 179 -9.15 2.18 15.96
N HIS B 180 -9.88 1.99 14.88
CA HIS B 180 -11.09 1.23 14.93
C HIS B 180 -10.74 -0.22 14.72
N ILE B 181 -10.96 -1.06 15.72
CA ILE B 181 -10.64 -2.46 15.57
C ILE B 181 -11.82 -3.42 15.56
N TRP B 182 -13.03 -2.95 15.77
CA TRP B 182 -14.17 -3.85 15.71
C TRP B 182 -15.52 -3.20 15.64
N GLU B 183 -16.41 -3.82 14.89
CA GLU B 183 -17.78 -3.33 14.74
C GLU B 183 -18.82 -4.32 15.23
N SER B 184 -18.40 -5.48 15.73
CA SER B 184 -19.31 -6.49 16.23
C SER B 184 -18.62 -7.81 16.47
N ALA B 189 -11.66 -7.64 10.77
CA ALA B 189 -10.98 -6.63 11.57
C ALA B 189 -9.52 -7.00 11.88
N SER B 190 -8.66 -6.96 10.87
CA SER B 190 -7.26 -7.33 11.02
C SER B 190 -6.21 -6.23 11.14
N PHE B 191 -5.04 -6.61 11.64
CA PHE B 191 -3.92 -5.70 11.78
C PHE B 191 -2.56 -6.38 11.76
N GLU B 192 -1.53 -5.63 11.46
CA GLU B 192 -0.18 -6.12 11.44
C GLU B 192 0.68 -5.04 12.07
N ALA B 193 1.68 -5.44 12.81
CA ALA B 193 2.58 -4.49 13.42
C ALA B 193 3.99 -4.98 13.31
N THR B 194 4.91 -4.08 13.06
CA THR B 194 6.31 -4.41 12.94
C THR B 194 7.18 -3.44 13.64
N PHE B 195 8.18 -3.92 14.33
CA PHE B 195 9.10 -3.02 14.95
C PHE B 195 10.51 -3.58 15.04
N THR B 196 11.45 -2.68 14.93
CA THR B 196 12.84 -2.98 14.97
C THR B 196 13.39 -2.40 16.25
N PHE B 197 14.14 -3.18 16.98
CA PHE B 197 14.64 -2.75 18.27
C PHE B 197 16.09 -3.09 18.58
N LEU B 198 16.62 -2.40 19.57
CA LEU B 198 17.96 -2.62 20.02
C LEU B 198 17.97 -2.64 21.51
N ILE B 199 18.13 -3.82 22.08
CA ILE B 199 18.18 -3.97 23.51
C ILE B 199 19.63 -4.22 23.82
N LYS B 200 20.17 -3.47 24.75
CA LYS B 200 21.56 -3.56 25.05
C LYS B 200 21.81 -3.35 26.48
N SER B 201 22.61 -4.21 27.07
CA SER B 201 22.90 -4.08 28.47
C SER B 201 24.37 -4.33 28.79
N PRO B 202 24.86 -3.69 29.82
CA PRO B 202 26.23 -3.90 30.23
C PRO B 202 26.37 -5.09 31.18
N ASP B 203 25.32 -5.83 31.45
CA ASP B 203 25.52 -6.82 32.45
C ASP B 203 25.67 -8.16 31.80
N SER B 204 24.52 -8.76 31.61
CA SER B 204 24.30 -10.08 31.05
C SER B 204 23.08 -10.58 31.82
N HIS B 205 22.16 -9.67 32.05
CA HIS B 205 20.95 -9.93 32.75
C HIS B 205 20.20 -8.65 32.53
N PRO B 206 19.77 -8.48 31.23
CA PRO B 206 19.02 -7.25 31.00
C PRO B 206 17.65 -7.31 31.62
N ALA B 207 16.99 -6.18 31.72
CA ALA B 207 15.65 -6.09 32.26
C ALA B 207 15.10 -4.79 31.74
N ASP B 208 13.80 -4.67 31.54
CA ASP B 208 12.82 -5.70 31.74
C ASP B 208 12.08 -6.17 30.47
N GLY B 209 12.29 -5.52 29.35
CA GLY B 209 11.62 -5.91 28.14
C GLY B 209 10.85 -4.84 27.42
N ILE B 210 10.38 -5.18 26.23
CA ILE B 210 9.62 -4.27 25.40
C ILE B 210 8.31 -4.89 25.02
N ALA B 211 7.35 -4.09 24.65
CA ALA B 211 6.08 -4.61 24.26
C ALA B 211 5.27 -3.73 23.34
N PHE B 212 4.49 -4.37 22.48
CA PHE B 212 3.60 -3.69 21.58
C PHE B 212 2.31 -3.89 22.27
N PHE B 213 1.46 -2.88 22.32
CA PHE B 213 0.22 -3.04 23.01
C PHE B 213 -0.93 -2.31 22.39
N ILE B 214 -2.13 -2.73 22.74
CA ILE B 214 -3.35 -2.13 22.28
C ILE B 214 -4.13 -1.85 23.54
N SER B 215 -4.67 -0.67 23.69
CA SER B 215 -5.36 -0.33 24.89
C SER B 215 -6.46 0.62 24.64
N ASN B 216 -7.15 1.00 25.71
CA ASN B 216 -8.18 1.98 25.62
C ASN B 216 -7.50 3.26 25.19
N ILE B 217 -8.21 4.06 24.43
CA ILE B 217 -7.66 5.28 23.93
C ILE B 217 -7.07 6.22 24.94
N ASP B 218 -7.58 6.22 26.14
CA ASP B 218 -7.11 7.09 27.18
C ASP B 218 -6.08 6.48 28.07
N SER B 219 -5.54 5.36 27.69
CA SER B 219 -4.59 4.70 28.52
C SER B 219 -3.35 5.47 28.85
N SER B 220 -2.76 5.18 29.99
CA SER B 220 -1.54 5.83 30.40
C SER B 220 -0.81 4.89 31.30
N ILE B 221 0.44 5.17 31.56
CA ILE B 221 1.23 4.30 32.41
C ILE B 221 0.61 4.17 33.78
N PRO B 222 0.47 2.97 34.29
CA PRO B 222 -0.11 2.80 35.62
C PRO B 222 0.90 3.16 36.70
N SER B 223 0.45 3.76 37.78
CA SER B 223 1.33 4.13 38.88
C SER B 223 2.17 2.96 39.33
N GLY B 224 3.47 3.18 39.37
CA GLY B 224 4.43 2.19 39.79
C GLY B 224 4.82 1.10 38.83
N SER B 225 4.25 1.11 37.63
CA SER B 225 4.51 0.06 36.64
C SER B 225 5.88 -0.07 35.97
N THR B 226 6.95 0.19 36.68
CA THR B 226 8.27 0.05 36.14
C THR B 226 8.60 -1.39 36.35
N GLY B 227 9.81 -1.80 36.02
CA GLY B 227 10.21 -3.16 36.19
C GLY B 227 9.36 -4.23 35.54
N ARG B 228 9.08 -5.27 36.28
CA ARG B 228 8.33 -6.38 35.81
C ARG B 228 6.96 -6.10 35.19
N LEU B 229 6.35 -4.98 35.53
CA LEU B 229 5.02 -4.66 35.02
C LEU B 229 4.97 -4.02 33.64
N LEU B 230 6.13 -3.76 33.09
CA LEU B 230 6.36 -3.23 31.76
C LEU B 230 5.60 -2.02 31.27
N GLY B 231 5.17 -1.17 32.18
CA GLY B 231 4.44 0.02 31.86
C GLY B 231 3.06 -0.28 31.42
N LEU B 232 2.65 -1.51 31.62
CA LEU B 232 1.34 -1.92 31.15
C LEU B 232 0.32 -2.25 32.17
N PHE B 233 0.74 -2.89 33.24
CA PHE B 233 -0.19 -3.33 34.22
C PHE B 233 0.05 -2.74 35.58
N PRO B 234 -1.02 -2.47 36.29
CA PRO B 234 -0.93 -1.89 37.62
C PRO B 234 -0.46 -2.87 38.67
N ASP B 235 -0.66 -4.15 38.47
CA ASP B 235 -0.21 -5.12 39.42
C ASP B 235 0.16 -6.38 38.68
N ALA B 236 0.29 -7.49 39.37
CA ALA B 236 0.68 -8.72 38.74
C ALA B 236 -0.32 -9.85 38.78
N ASN B 237 -1.60 -9.52 38.91
CA ASN B 237 -2.64 -10.53 38.91
C ASN B 237 -3.01 -10.96 37.50
N ALA C 1 1.92 -33.94 -13.75
CA ALA C 1 0.66 -33.26 -13.55
C ALA C 1 0.83 -32.03 -12.69
N ASP C 2 -0.20 -31.21 -12.65
CA ASP C 2 -0.14 -29.98 -11.89
C ASP C 2 -0.28 -30.17 -10.40
N THR C 3 0.27 -29.21 -9.67
CA THR C 3 0.19 -29.17 -8.24
C THR C 3 -0.76 -28.05 -7.88
N ILE C 4 -1.90 -28.35 -7.32
CA ILE C 4 -2.87 -27.32 -6.98
C ILE C 4 -3.21 -27.18 -5.50
N VAL C 5 -3.40 -25.93 -5.09
CA VAL C 5 -3.84 -25.52 -3.76
C VAL C 5 -4.94 -24.54 -4.03
N ALA C 6 -6.15 -24.82 -3.58
CA ALA C 6 -7.23 -23.91 -3.85
C ALA C 6 -8.39 -23.75 -2.89
N VAL C 7 -9.18 -22.72 -3.13
CA VAL C 7 -10.36 -22.44 -2.39
C VAL C 7 -11.48 -22.49 -3.38
N GLU C 8 -12.33 -23.47 -3.25
CA GLU C 8 -13.42 -23.62 -4.15
C GLU C 8 -14.69 -23.16 -3.55
N LEU C 9 -15.53 -22.61 -4.37
CA LEU C 9 -16.82 -22.23 -3.92
C LEU C 9 -17.73 -23.23 -4.68
N ASP C 10 -17.85 -24.44 -4.14
CA ASP C 10 -18.60 -25.61 -4.65
C ASP C 10 -20.09 -25.27 -4.72
N THR C 11 -20.63 -24.93 -5.89
CA THR C 11 -22.06 -24.64 -5.98
C THR C 11 -22.90 -25.87 -6.24
N TYR C 12 -22.26 -26.98 -6.61
CA TYR C 12 -22.95 -28.22 -6.90
C TYR C 12 -22.42 -29.44 -6.18
N PRO C 13 -23.31 -30.11 -5.49
CA PRO C 13 -22.94 -31.30 -4.73
C PRO C 13 -22.74 -32.56 -5.54
N ASN C 14 -21.54 -33.05 -5.49
CA ASN C 14 -21.11 -34.25 -6.14
C ASN C 14 -20.84 -35.19 -5.01
N THR C 15 -21.89 -35.58 -4.34
CA THR C 15 -21.76 -36.44 -3.19
C THR C 15 -21.07 -37.74 -3.41
N ASP C 16 -20.90 -38.12 -4.66
CA ASP C 16 -20.23 -39.38 -4.94
C ASP C 16 -18.73 -39.21 -4.95
N ILE C 17 -18.27 -37.98 -4.79
CA ILE C 17 -16.85 -37.75 -4.69
C ILE C 17 -16.58 -36.88 -3.48
N GLY C 18 -17.41 -37.09 -2.48
CA GLY C 18 -17.24 -36.47 -1.19
C GLY C 18 -17.86 -35.13 -0.98
N PRO C 20 -20.23 -32.33 -0.04
CA PRO C 20 -21.27 -32.32 1.01
C PRO C 20 -22.60 -32.17 0.25
N SER C 21 -23.72 -32.21 0.93
CA SER C 21 -25.02 -32.19 0.32
C SER C 21 -25.59 -30.81 0.11
N TYR C 22 -24.76 -29.80 0.10
CA TYR C 22 -25.25 -28.48 -0.10
C TYR C 22 -24.12 -27.69 -0.67
N PRO C 23 -24.38 -26.50 -1.17
CA PRO C 23 -23.31 -25.65 -1.68
C PRO C 23 -22.28 -25.46 -0.57
N HIS C 24 -21.00 -25.38 -0.88
CA HIS C 24 -20.04 -25.23 0.16
C HIS C 24 -18.79 -24.53 -0.30
N ILE C 25 -17.99 -24.09 0.66
CA ILE C 25 -16.73 -23.45 0.43
C ILE C 25 -15.72 -24.50 0.87
N GLY C 26 -14.59 -24.60 0.21
CA GLY C 26 -13.62 -25.59 0.59
C GLY C 26 -12.18 -25.27 0.31
N ILE C 27 -11.31 -25.97 1.02
CA ILE C 27 -9.89 -25.79 0.84
C ILE C 27 -9.42 -27.08 0.22
N ASP C 28 -8.86 -26.98 -0.98
CA ASP C 28 -8.40 -28.13 -1.72
C ASP C 28 -6.91 -28.21 -1.80
N ILE C 29 -6.37 -29.31 -1.35
CA ILE C 29 -4.93 -29.51 -1.39
C ILE C 29 -4.59 -30.72 -2.23
N LYS C 30 -4.22 -30.46 -3.47
CA LYS C 30 -3.88 -31.47 -4.46
C LYS C 30 -4.98 -32.45 -4.80
N SER C 31 -6.21 -32.12 -4.49
CA SER C 31 -7.31 -32.99 -4.79
C SER C 31 -8.59 -32.21 -4.76
N VAL C 32 -9.58 -32.68 -5.48
CA VAL C 32 -10.84 -31.99 -5.53
C VAL C 32 -11.71 -32.36 -4.37
N ARG C 33 -11.25 -33.33 -3.59
CA ARG C 33 -11.97 -33.75 -2.42
C ARG C 33 -11.39 -32.88 -1.33
N SER C 34 -12.12 -31.84 -1.00
CA SER C 34 -11.72 -30.85 -0.03
C SER C 34 -11.22 -31.34 1.30
N LYS C 35 -10.15 -30.76 1.80
CA LYS C 35 -9.62 -31.16 3.10
C LYS C 35 -10.53 -30.64 4.16
N LYS C 36 -11.30 -29.62 3.84
CA LYS C 36 -12.20 -29.05 4.79
C LYS C 36 -13.26 -28.26 4.09
N THR C 37 -14.46 -28.23 4.62
CA THR C 37 -15.54 -27.49 4.01
C THR C 37 -16.44 -26.80 5.02
N ALA C 38 -17.24 -25.87 4.54
CA ALA C 38 -18.18 -25.17 5.38
C ALA C 38 -19.39 -24.96 4.53
N LYS C 39 -20.54 -24.91 5.16
CA LYS C 39 -21.78 -24.72 4.47
C LYS C 39 -21.88 -23.34 3.92
N TRP C 40 -22.34 -23.22 2.69
CA TRP C 40 -22.43 -21.95 2.05
C TRP C 40 -23.82 -21.63 1.54
N ASN C 41 -24.44 -20.64 2.13
CA ASN C 41 -25.78 -20.22 1.75
C ASN C 41 -25.77 -19.33 0.54
N MET C 42 -25.47 -19.97 -0.58
CA MET C 42 -25.34 -19.35 -1.88
C MET C 42 -26.56 -18.56 -2.35
N GLN C 43 -26.34 -17.37 -2.88
CA GLN C 43 -27.43 -16.55 -3.34
C GLN C 43 -27.41 -16.33 -4.83
N ASN C 44 -28.24 -17.07 -5.54
CA ASN C 44 -28.28 -16.91 -6.96
C ASN C 44 -28.56 -15.48 -7.30
N GLY C 45 -27.85 -14.95 -8.28
CA GLY C 45 -28.03 -13.58 -8.69
C GLY C 45 -27.48 -12.46 -7.84
N LYS C 46 -26.85 -12.75 -6.71
CA LYS C 46 -26.31 -11.66 -5.92
C LYS C 46 -24.81 -11.62 -5.97
N VAL C 47 -24.25 -10.43 -6.01
CA VAL C 47 -22.81 -10.24 -6.05
C VAL C 47 -22.18 -10.60 -4.74
N GLY C 48 -21.25 -11.54 -4.73
CA GLY C 48 -20.56 -11.96 -3.53
C GLY C 48 -19.11 -11.51 -3.47
N THR C 49 -18.46 -11.73 -2.33
CA THR C 49 -17.09 -11.36 -2.15
C THR C 49 -16.38 -12.51 -1.50
N ALA C 50 -15.13 -12.74 -1.83
CA ALA C 50 -14.37 -13.81 -1.25
C ALA C 50 -13.02 -13.28 -0.82
N HIS C 51 -12.56 -13.69 0.34
CA HIS C 51 -11.32 -13.22 0.89
C HIS C 51 -10.56 -14.43 1.28
N ILE C 52 -9.33 -14.55 0.82
CA ILE C 52 -8.54 -15.69 1.17
C ILE C 52 -7.25 -15.19 1.72
N ILE C 53 -6.80 -15.77 2.82
CA ILE C 53 -5.55 -15.35 3.42
C ILE C 53 -4.72 -16.50 3.91
N TYR C 54 -3.43 -16.26 3.95
CA TYR C 54 -2.49 -17.21 4.42
C TYR C 54 -1.29 -16.51 4.99
N ASN C 55 -0.88 -16.91 6.17
CA ASN C 55 0.29 -16.30 6.77
C ASN C 55 1.25 -17.36 7.20
N SER C 56 2.52 -17.04 7.02
CA SER C 56 3.64 -17.90 7.30
C SER C 56 3.85 -18.18 8.74
N VAL C 57 3.32 -17.32 9.58
CA VAL C 57 3.48 -17.53 10.99
C VAL C 57 2.60 -18.66 11.47
N ASP C 58 1.32 -18.60 11.18
CA ASP C 58 0.43 -19.63 11.61
C ASP C 58 0.48 -20.78 10.65
N LYS C 59 0.87 -20.52 9.43
CA LYS C 59 0.89 -21.55 8.42
C LYS C 59 -0.52 -22.07 8.28
N ARG C 60 -1.46 -21.17 8.09
CA ARG C 60 -2.85 -21.52 7.95
C ARG C 60 -3.54 -20.79 6.83
N LEU C 61 -4.39 -21.49 6.11
CA LEU C 61 -5.16 -20.94 5.02
C LEU C 61 -6.60 -20.81 5.40
N SER C 62 -7.15 -19.62 5.28
CA SER C 62 -8.52 -19.41 5.65
C SER C 62 -9.23 -18.69 4.59
N ALA C 63 -10.54 -18.87 4.51
CA ALA C 63 -11.32 -18.23 3.51
C ALA C 63 -12.66 -17.81 4.01
N VAL C 64 -13.19 -16.74 3.49
CA VAL C 64 -14.46 -16.25 3.90
C VAL C 64 -15.21 -15.73 2.73
N VAL C 65 -16.45 -16.12 2.58
CA VAL C 65 -17.25 -15.63 1.49
C VAL C 65 -18.51 -15.00 2.05
N SER C 66 -18.97 -13.92 1.46
CA SER C 66 -20.15 -13.28 1.99
C SER C 66 -20.87 -12.38 1.04
N TYR C 67 -22.06 -11.95 1.44
CA TYR C 67 -22.89 -11.03 0.68
C TYR C 67 -23.33 -9.91 1.60
N PRO C 68 -23.76 -8.79 1.05
CA PRO C 68 -24.19 -7.69 1.89
C PRO C 68 -25.40 -8.10 2.70
N ASN C 69 -25.39 -7.77 3.98
CA ASN C 69 -26.50 -8.12 4.83
C ASN C 69 -26.78 -9.58 4.78
N ALA C 70 -25.78 -10.36 5.13
CA ALA C 70 -25.90 -11.79 5.15
C ALA C 70 -24.80 -12.34 6.01
N ASP C 71 -24.84 -13.62 6.30
CA ASP C 71 -23.82 -14.22 7.13
C ASP C 71 -22.75 -14.92 6.31
N SER C 72 -21.53 -14.65 6.67
CA SER C 72 -20.37 -15.22 6.05
C SER C 72 -20.21 -16.70 6.29
N ALA C 73 -19.44 -17.35 5.43
CA ALA C 73 -19.11 -18.74 5.57
C ALA C 73 -17.62 -18.65 5.62
N THR C 74 -16.98 -19.50 6.36
CA THR C 74 -15.55 -19.45 6.48
C THR C 74 -15.00 -20.82 6.76
N VAL C 75 -13.84 -21.09 6.23
CA VAL C 75 -13.20 -22.36 6.40
C VAL C 75 -11.72 -22.14 6.55
N SER C 76 -11.06 -23.01 7.28
CA SER C 76 -9.67 -22.85 7.53
C SER C 76 -8.97 -24.16 7.59
N TYR C 77 -7.69 -24.15 7.29
CA TYR C 77 -6.91 -25.36 7.29
C TYR C 77 -5.40 -25.16 7.43
N ASP C 78 -4.78 -25.97 8.27
CA ASP C 78 -3.35 -25.87 8.50
C ASP C 78 -2.56 -26.50 7.38
N VAL C 79 -1.63 -25.76 6.81
CA VAL C 79 -0.83 -26.31 5.74
C VAL C 79 0.47 -25.56 5.53
N ASP C 80 1.51 -26.26 5.11
CA ASP C 80 2.79 -25.68 4.85
C ASP C 80 2.96 -25.69 3.38
N LEU C 81 2.65 -24.57 2.78
CA LEU C 81 2.74 -24.44 1.35
C LEU C 81 4.08 -24.86 0.85
N ASP C 82 5.09 -24.58 1.65
CA ASP C 82 6.45 -24.86 1.31
C ASP C 82 6.70 -26.32 1.12
N ASN C 83 5.89 -27.14 1.73
CA ASN C 83 6.02 -28.55 1.59
C ASN C 83 5.08 -29.04 0.49
N VAL C 84 4.15 -28.21 0.11
CA VAL C 84 3.19 -28.58 -0.91
C VAL C 84 3.40 -27.99 -2.29
N LEU C 85 3.78 -26.75 -2.35
CA LEU C 85 3.92 -26.09 -3.62
C LEU C 85 5.34 -25.86 -3.96
N PRO C 86 5.63 -25.59 -5.21
CA PRO C 86 6.98 -25.30 -5.62
C PRO C 86 7.34 -23.92 -5.15
N GLU C 87 8.60 -23.53 -5.25
CA GLU C 87 9.04 -22.24 -4.81
C GLU C 87 8.41 -21.07 -5.55
N TRP C 88 8.18 -21.23 -6.83
CA TRP C 88 7.55 -20.21 -7.61
C TRP C 88 6.24 -20.77 -8.07
N VAL C 89 5.23 -19.94 -8.12
CA VAL C 89 3.91 -20.34 -8.55
C VAL C 89 3.20 -19.30 -9.38
N ARG C 90 1.99 -19.62 -9.77
CA ARG C 90 1.13 -18.71 -10.47
C ARG C 90 -0.17 -18.75 -9.71
N VAL C 91 -0.88 -17.65 -9.70
CA VAL C 91 -2.15 -17.54 -9.03
C VAL C 91 -3.22 -17.26 -10.06
N GLY C 92 -4.42 -17.79 -9.86
CA GLY C 92 -5.50 -17.59 -10.81
C GLY C 92 -6.88 -17.87 -10.30
N LEU C 93 -7.87 -17.74 -11.16
CA LEU C 93 -9.25 -18.00 -10.84
C LEU C 93 -9.70 -19.00 -11.86
N SER C 94 -10.48 -19.96 -11.44
CA SER C 94 -10.96 -20.99 -12.31
C SER C 94 -12.41 -21.25 -12.05
N ALA C 95 -13.14 -21.65 -13.07
CA ALA C 95 -14.55 -21.96 -12.93
C ALA C 95 -14.98 -22.94 -13.98
N SER C 96 -16.12 -23.57 -13.79
CA SER C 96 -16.64 -24.53 -14.76
C SER C 96 -18.12 -24.74 -14.66
N THR C 97 -18.65 -25.49 -15.62
CA THR C 97 -20.04 -25.91 -15.71
C THR C 97 -20.04 -27.31 -16.31
N GLY C 98 -21.13 -28.04 -16.21
CA GLY C 98 -21.20 -29.38 -16.75
C GLY C 98 -22.58 -29.56 -17.29
N LEU C 99 -23.35 -30.48 -16.74
CA LEU C 99 -24.70 -30.64 -17.17
C LEU C 99 -25.43 -29.39 -16.76
N TYR C 100 -25.19 -28.92 -15.55
CA TYR C 100 -25.82 -27.69 -15.09
C TYR C 100 -24.83 -26.59 -15.22
N LYS C 101 -25.30 -25.38 -15.20
CA LYS C 101 -24.45 -24.27 -15.40
C LYS C 101 -24.71 -23.06 -14.54
N GLU C 102 -24.06 -21.97 -14.90
CA GLU C 102 -24.15 -20.72 -14.21
C GLU C 102 -23.14 -19.82 -14.83
N THR C 103 -23.33 -18.53 -14.69
CA THR C 103 -22.37 -17.62 -15.19
C THR C 103 -21.33 -17.64 -14.11
N ASN C 104 -20.10 -17.35 -14.46
CA ASN C 104 -19.03 -17.34 -13.51
C ASN C 104 -18.32 -16.05 -13.71
N THR C 105 -19.01 -14.98 -13.41
CA THR C 105 -18.52 -13.65 -13.63
C THR C 105 -17.71 -13.07 -12.51
N ILE C 106 -16.57 -12.53 -12.86
CA ILE C 106 -15.72 -11.94 -11.88
C ILE C 106 -15.73 -10.46 -12.07
N LEU C 107 -16.12 -9.74 -11.05
CA LEU C 107 -16.16 -8.31 -11.16
C LEU C 107 -14.85 -7.70 -10.73
N SER C 108 -14.17 -8.32 -9.79
CA SER C 108 -12.92 -7.77 -9.36
C SER C 108 -12.04 -8.81 -8.73
N TRP C 109 -10.75 -8.57 -8.78
CA TRP C 109 -9.79 -9.48 -8.24
C TRP C 109 -8.53 -8.76 -7.80
N SER C 110 -8.11 -8.99 -6.57
CA SER C 110 -6.91 -8.40 -6.06
C SER C 110 -6.04 -9.44 -5.38
N PHE C 111 -4.75 -9.17 -5.29
CA PHE C 111 -3.81 -10.08 -4.70
C PHE C 111 -2.59 -9.42 -4.12
N THR C 112 -2.12 -9.91 -2.99
CA THR C 112 -0.94 -9.38 -2.35
C THR C 112 -0.08 -10.48 -1.80
N SER C 113 1.20 -10.39 -2.03
CA SER C 113 2.17 -11.37 -1.57
C SER C 113 3.37 -10.69 -0.96
N LYS C 114 3.85 -11.20 0.15
CA LYS C 114 5.02 -10.67 0.81
C LYS C 114 5.96 -11.79 1.24
N LEU C 115 7.22 -11.64 0.94
CA LEU C 115 8.20 -12.63 1.31
C LEU C 115 9.24 -11.88 2.06
N LYS C 116 9.56 -12.31 3.25
CA LYS C 116 10.54 -11.61 4.08
C LYS C 116 12.03 -11.96 4.03
N THR C 123 11.85 -7.05 2.66
CA THR C 123 11.02 -7.97 1.92
C THR C 123 10.74 -7.67 0.49
N ASN C 124 10.31 -8.71 -0.21
CA ASN C 124 9.95 -8.61 -1.59
C ASN C 124 8.44 -8.68 -1.69
N ALA C 125 7.84 -7.88 -2.54
CA ALA C 125 6.40 -7.91 -2.65
C ALA C 125 5.80 -7.79 -4.04
N LEU C 126 4.56 -8.26 -4.15
CA LEU C 126 3.78 -8.21 -5.36
C LEU C 126 2.33 -7.95 -5.03
N HIS C 127 1.74 -6.99 -5.70
CA HIS C 127 0.35 -6.71 -5.52
C HIS C 127 -0.26 -6.27 -6.81
N PHE C 128 -1.45 -6.76 -7.09
CA PHE C 128 -2.16 -6.35 -8.27
C PHE C 128 -3.61 -6.15 -7.91
N MET C 129 -4.26 -5.24 -8.60
CA MET C 129 -5.64 -4.93 -8.33
C MET C 129 -6.38 -4.83 -9.65
N PHE C 130 -7.43 -5.61 -9.84
CA PHE C 130 -8.22 -5.55 -11.06
C PHE C 130 -9.65 -5.13 -10.68
N ASN C 131 -10.05 -3.91 -10.99
CA ASN C 131 -11.40 -3.47 -10.67
C ASN C 131 -12.24 -3.35 -11.92
N GLN C 132 -11.60 -3.60 -13.05
CA GLN C 132 -12.23 -3.59 -14.35
C GLN C 132 -11.34 -4.39 -15.27
N PHE C 133 -11.93 -5.08 -16.23
CA PHE C 133 -11.16 -5.88 -17.13
C PHE C 133 -11.35 -5.46 -18.58
N SER C 134 -10.26 -5.24 -19.28
CA SER C 134 -10.30 -4.83 -20.66
C SER C 134 -10.40 -6.01 -21.59
N LYS C 135 -10.63 -5.74 -22.87
CA LYS C 135 -10.76 -6.76 -23.88
C LYS C 135 -9.42 -7.39 -24.21
N ASP C 136 -8.34 -6.67 -23.99
CA ASP C 136 -7.04 -7.18 -24.26
C ASP C 136 -6.22 -6.96 -23.01
N GLN C 137 -6.42 -7.81 -22.04
CA GLN C 137 -5.76 -7.72 -20.76
C GLN C 137 -4.49 -8.53 -20.76
N LYS C 138 -3.42 -7.96 -21.26
CA LYS C 138 -2.15 -8.65 -21.38
C LYS C 138 -1.46 -9.21 -20.13
N ASP C 139 -1.81 -8.74 -18.96
CA ASP C 139 -1.21 -9.26 -17.75
C ASP C 139 -2.02 -10.41 -17.21
N LEU C 140 -2.93 -10.93 -18.00
CA LEU C 140 -3.71 -12.06 -17.60
C LEU C 140 -3.50 -13.13 -18.64
N ILE C 141 -3.46 -14.35 -18.20
CA ILE C 141 -3.33 -15.47 -19.09
C ILE C 141 -4.65 -16.18 -19.08
N LEU C 142 -5.32 -16.14 -20.20
CA LEU C 142 -6.59 -16.78 -20.29
C LEU C 142 -6.43 -18.16 -20.84
N GLN C 143 -7.16 -19.08 -20.26
CA GLN C 143 -7.15 -20.45 -20.64
C GLN C 143 -8.59 -20.86 -20.77
N GLY C 144 -8.87 -21.75 -21.70
CA GLY C 144 -10.22 -22.21 -21.92
C GLY C 144 -11.16 -21.19 -22.47
N ASP C 145 -12.34 -21.14 -21.90
CA ASP C 145 -13.37 -20.23 -22.31
C ASP C 145 -13.33 -18.86 -21.70
N ALA C 146 -12.45 -18.62 -20.78
CA ALA C 146 -12.39 -17.33 -20.14
C ALA C 146 -12.24 -16.20 -21.10
N THR C 147 -13.00 -15.14 -20.89
CA THR C 147 -12.94 -13.97 -21.72
C THR C 147 -13.01 -12.72 -20.90
N THR C 148 -12.38 -11.67 -21.35
CA THR C 148 -12.42 -10.40 -20.66
C THR C 148 -13.04 -9.36 -21.55
N THR C 150 -16.04 -8.01 -21.98
CA THR C 150 -17.48 -8.05 -21.97
C THR C 150 -17.96 -7.03 -20.99
N ASP C 151 -17.64 -5.80 -21.31
CA ASP C 151 -18.06 -4.72 -20.48
C ASP C 151 -17.52 -4.73 -19.06
N GLY C 152 -16.21 -4.84 -18.97
CA GLY C 152 -15.54 -4.77 -17.70
C GLY C 152 -15.36 -5.96 -16.82
N ASN C 153 -16.06 -7.04 -17.09
CA ASN C 153 -15.94 -8.20 -16.26
C ASN C 153 -15.10 -9.27 -16.87
N LEU C 154 -14.78 -10.27 -16.07
CA LEU C 154 -14.03 -11.39 -16.53
C LEU C 154 -15.00 -12.54 -16.47
N GLU C 155 -15.25 -13.18 -17.60
CA GLU C 155 -16.15 -14.28 -17.64
C GLU C 155 -15.35 -15.53 -17.76
N LEU C 156 -15.36 -16.33 -16.74
CA LEU C 156 -14.58 -17.53 -16.74
C LEU C 156 -15.16 -18.62 -17.57
N THR C 157 -16.47 -18.67 -17.67
CA THR C 157 -17.07 -19.68 -18.49
C THR C 157 -17.84 -19.01 -19.55
N ARG C 158 -18.40 -19.80 -20.44
CA ARG C 158 -19.13 -19.29 -21.58
C ARG C 158 -20.50 -18.69 -21.35
N VAL C 159 -20.73 -17.56 -21.96
CA VAL C 159 -21.98 -16.87 -21.85
C VAL C 159 -22.41 -16.39 -23.23
N SER C 160 -23.70 -16.35 -23.47
CA SER C 160 -24.20 -15.91 -24.75
C SER C 160 -24.25 -14.41 -24.87
N SER C 161 -24.60 -13.94 -26.06
CA SER C 161 -24.68 -12.52 -26.34
C SER C 161 -25.49 -11.75 -25.32
N ASN C 162 -26.41 -12.41 -24.67
CA ASN C 162 -27.26 -11.74 -23.71
C ASN C 162 -26.94 -12.03 -22.28
N GLY C 163 -26.01 -12.94 -22.06
CA GLY C 163 -25.61 -13.29 -20.73
C GLY C 163 -26.12 -14.63 -20.29
N SER C 164 -26.52 -15.46 -21.24
CA SER C 164 -27.00 -16.75 -20.88
C SER C 164 -25.85 -17.73 -20.75
N PRO C 165 -25.74 -18.37 -19.60
CA PRO C 165 -24.66 -19.31 -19.34
C PRO C 165 -24.79 -20.64 -20.05
N GLN C 166 -23.68 -21.27 -20.37
CA GLN C 166 -23.71 -22.54 -21.06
C GLN C 166 -23.06 -23.65 -20.30
N GLY C 167 -23.44 -24.87 -20.62
CA GLY C 167 -22.94 -26.05 -19.99
C GLY C 167 -21.64 -26.51 -20.60
N SER C 168 -21.04 -27.49 -20.00
CA SER C 168 -19.79 -28.02 -20.47
C SER C 168 -18.77 -26.94 -20.80
N SER C 169 -18.46 -26.08 -19.84
CA SER C 169 -17.51 -25.00 -20.04
C SER C 169 -16.48 -24.93 -18.93
N VAL C 170 -15.30 -24.45 -19.23
CA VAL C 170 -14.28 -24.33 -18.23
C VAL C 170 -13.31 -23.28 -18.67
N GLY C 171 -12.85 -22.48 -17.74
CA GLY C 171 -11.90 -21.42 -18.02
C GLY C 171 -11.21 -20.92 -16.78
N ARG C 172 -10.01 -20.39 -16.97
CA ARG C 172 -9.21 -19.89 -15.90
C ARG C 172 -8.48 -18.62 -16.30
N ALA C 173 -8.16 -17.80 -15.34
CA ALA C 173 -7.42 -16.59 -15.57
C ALA C 173 -6.28 -16.58 -14.59
N LEU C 174 -5.07 -16.42 -15.09
CA LEU C 174 -3.91 -16.42 -14.23
C LEU C 174 -3.16 -15.12 -14.37
N PHE C 175 -2.59 -14.62 -13.29
CA PHE C 175 -1.84 -13.42 -13.35
C PHE C 175 -0.56 -13.78 -14.05
N TYR C 176 -0.15 -12.94 -14.97
CA TYR C 176 1.00 -13.17 -15.80
C TYR C 176 2.28 -13.43 -15.08
N ALA C 177 2.57 -12.63 -14.08
CA ALA C 177 3.78 -12.76 -13.32
C ALA C 177 3.80 -13.87 -12.29
N PRO C 178 4.86 -14.64 -12.29
CA PRO C 178 5.04 -15.70 -11.32
C PRO C 178 5.24 -15.11 -9.96
N VAL C 179 4.81 -15.81 -8.93
CA VAL C 179 4.94 -15.35 -7.58
C VAL C 179 5.85 -16.24 -6.78
N HIS C 180 6.67 -15.61 -5.98
CA HIS C 180 7.58 -16.32 -5.15
C HIS C 180 6.89 -16.58 -3.87
N ILE C 181 6.75 -17.83 -3.49
CA ILE C 181 6.09 -18.12 -2.26
C ILE C 181 6.93 -18.74 -1.13
N TRP C 182 8.16 -19.11 -1.38
CA TRP C 182 9.02 -19.65 -0.35
C TRP C 182 10.41 -19.89 -0.80
N GLU C 183 11.36 -19.14 -0.26
CA GLU C 183 12.78 -19.33 -0.58
C GLU C 183 13.29 -19.88 0.70
N SER C 184 13.84 -21.09 0.66
CA SER C 184 14.29 -21.77 1.84
C SER C 184 12.97 -22.12 2.46
N SER C 185 12.93 -22.58 3.69
CA SER C 185 11.64 -22.88 4.28
C SER C 185 11.03 -21.49 4.50
N ALA C 186 10.82 -20.78 3.41
CA ALA C 186 10.28 -19.44 3.47
C ALA C 186 8.81 -19.46 3.80
N VAL C 187 8.47 -19.11 5.01
CA VAL C 187 9.39 -18.69 6.05
C VAL C 187 8.48 -17.63 6.63
N VAL C 188 8.42 -16.49 5.96
CA VAL C 188 7.54 -15.40 6.32
C VAL C 188 6.94 -15.02 5.00
N ALA C 189 6.23 -15.99 4.41
CA ALA C 189 5.56 -15.91 3.13
C ALA C 189 4.03 -15.80 3.19
N SER C 190 3.49 -14.61 3.35
CA SER C 190 2.05 -14.42 3.41
C SER C 190 1.40 -13.87 2.15
N PHE C 191 0.11 -14.09 2.00
CA PHE C 191 -0.64 -13.58 0.88
C PHE C 191 -2.09 -13.39 1.19
N GLU C 192 -2.76 -12.58 0.41
CA GLU C 192 -4.17 -12.35 0.58
C GLU C 192 -4.79 -12.16 -0.80
N ALA C 193 -5.98 -12.67 -0.99
CA ALA C 193 -6.65 -12.54 -2.25
C ALA C 193 -8.09 -12.20 -2.04
N THR C 194 -8.62 -11.34 -2.89
CA THR C 194 -9.99 -10.91 -2.83
C THR C 194 -10.59 -10.92 -4.21
N PHE C 195 -11.80 -11.39 -4.34
CA PHE C 195 -12.47 -11.35 -5.60
C PHE C 195 -13.96 -11.19 -5.43
N THR C 196 -14.56 -10.52 -6.39
CA THR C 196 -15.96 -10.24 -6.38
C THR C 196 -16.62 -10.98 -7.54
N PHE C 197 -17.63 -11.77 -7.22
CA PHE C 197 -18.30 -12.57 -8.21
C PHE C 197 -19.81 -12.43 -8.31
N LEU C 198 -20.34 -12.93 -9.40
CA LEU C 198 -21.75 -12.93 -9.66
C LEU C 198 -22.08 -14.21 -10.36
N ILE C 199 -22.78 -15.08 -9.67
CA ILE C 199 -23.17 -16.35 -10.20
C ILE C 199 -24.67 -16.31 -10.45
N LYS C 200 -25.07 -16.40 -11.70
CA LYS C 200 -26.47 -16.34 -12.03
C LYS C 200 -26.92 -17.55 -12.76
N SER C 201 -27.96 -18.17 -12.28
CA SER C 201 -28.49 -19.36 -12.92
C SER C 201 -30.00 -19.23 -12.92
N PRO C 202 -30.58 -19.11 -14.09
CA PRO C 202 -32.01 -18.93 -14.22
C PRO C 202 -32.77 -20.21 -13.90
N ASP C 203 -32.03 -21.28 -13.67
CA ASP C 203 -32.59 -22.58 -13.35
C ASP C 203 -32.85 -22.73 -11.87
N SER C 204 -32.95 -23.97 -11.44
CA SER C 204 -33.21 -24.24 -10.03
C SER C 204 -32.03 -24.96 -9.42
N HIS C 205 -31.05 -25.29 -10.26
CA HIS C 205 -29.85 -25.96 -9.82
C HIS C 205 -28.63 -25.49 -10.56
N PRO C 206 -27.81 -24.68 -9.93
CA PRO C 206 -26.61 -24.16 -10.57
C PRO C 206 -25.41 -25.06 -10.43
N ALA C 207 -24.45 -24.92 -11.33
CA ALA C 207 -23.24 -25.69 -11.31
C ALA C 207 -22.19 -24.91 -12.08
N ASP C 208 -20.91 -25.11 -11.83
CA ASP C 208 -20.37 -26.00 -10.84
C ASP C 208 -19.56 -25.27 -9.78
N GLY C 209 -19.24 -24.01 -10.00
CA GLY C 209 -18.46 -23.28 -9.01
C GLY C 209 -17.27 -22.49 -9.53
N ILE C 210 -16.64 -21.75 -8.62
CA ILE C 210 -15.49 -20.91 -8.88
C ILE C 210 -14.40 -21.21 -7.88
N ALA C 211 -13.16 -20.98 -8.25
CA ALA C 211 -12.07 -21.23 -7.34
C ALA C 211 -10.90 -20.29 -7.51
N PHE C 212 -10.23 -19.98 -6.42
CA PHE C 212 -9.03 -19.20 -6.47
C PHE C 212 -7.99 -20.28 -6.35
N PHE C 213 -6.92 -20.24 -7.11
CA PHE C 213 -5.94 -21.30 -7.04
C PHE C 213 -4.52 -20.86 -7.14
N ILE C 214 -3.61 -21.70 -6.67
CA ILE C 214 -2.20 -21.47 -6.72
C ILE C 214 -1.61 -22.72 -7.33
N SER C 215 -0.77 -22.58 -8.32
CA SER C 215 -0.23 -23.72 -9.00
C SER C 215 1.15 -23.53 -9.47
N ASN C 216 1.66 -24.56 -10.13
CA ASN C 216 2.96 -24.48 -10.73
C ASN C 216 2.75 -23.48 -11.84
N ILE C 217 3.78 -22.75 -12.16
CA ILE C 217 3.69 -21.70 -13.16
C ILE C 217 3.20 -22.11 -14.53
N ASP C 218 3.51 -23.32 -14.95
CA ASP C 218 3.13 -23.79 -16.25
C ASP C 218 1.85 -24.53 -16.23
N SER C 219 1.11 -24.42 -15.15
CA SER C 219 -0.13 -25.10 -15.04
C SER C 219 -1.10 -24.70 -16.13
N SER C 220 -1.99 -25.60 -16.48
CA SER C 220 -2.99 -25.35 -17.49
C SER C 220 -4.19 -26.23 -17.25
N ILE C 221 -5.27 -25.99 -17.97
CA ILE C 221 -6.47 -26.78 -17.78
C ILE C 221 -6.34 -28.26 -18.08
N PRO C 222 -6.62 -29.10 -17.11
CA PRO C 222 -6.52 -30.53 -17.34
C PRO C 222 -7.54 -31.01 -18.34
N SER C 223 -7.16 -31.91 -19.25
CA SER C 223 -8.07 -32.45 -20.23
C SER C 223 -9.31 -32.95 -19.56
N GLY C 224 -10.45 -32.53 -20.07
CA GLY C 224 -11.74 -32.91 -19.57
C GLY C 224 -12.22 -32.41 -18.21
N SER C 225 -11.52 -31.46 -17.62
CA SER C 225 -11.87 -30.96 -16.30
C SER C 225 -13.05 -30.04 -16.17
N THR C 226 -14.05 -30.19 -16.99
CA THR C 226 -15.21 -29.36 -16.89
C THR C 226 -15.96 -29.92 -15.73
N GLY C 227 -17.12 -29.39 -15.43
CA GLY C 227 -17.91 -29.90 -14.35
C GLY C 227 -17.28 -29.94 -12.99
N ARG C 228 -17.63 -30.94 -12.23
CA ARG C 228 -17.15 -31.10 -10.89
C ARG C 228 -15.66 -30.95 -10.67
N LEU C 229 -14.84 -30.98 -11.70
CA LEU C 229 -13.41 -30.85 -11.47
C LEU C 229 -12.93 -29.42 -11.51
N LEU C 230 -13.84 -28.54 -11.80
CA LEU C 230 -13.60 -27.12 -11.80
C LEU C 230 -12.41 -26.55 -12.51
N GLY C 231 -11.81 -27.32 -13.40
CA GLY C 231 -10.69 -26.87 -14.17
C GLY C 231 -9.39 -27.00 -13.46
N LEU C 232 -9.41 -27.72 -12.37
CA LEU C 232 -8.22 -27.84 -11.59
C LEU C 232 -7.61 -29.20 -11.49
N PHE C 233 -8.43 -30.22 -11.48
CA PHE C 233 -7.93 -31.55 -11.30
C PHE C 233 -8.18 -32.45 -12.46
N PRO C 234 -7.25 -33.35 -12.70
CA PRO C 234 -7.35 -34.30 -13.79
C PRO C 234 -8.29 -35.45 -13.48
N ASP C 235 -8.61 -35.64 -12.22
CA ASP C 235 -9.52 -36.67 -11.83
C ASP C 235 -10.10 -36.36 -10.49
N ALA C 236 -10.91 -37.28 -9.98
CA ALA C 236 -11.55 -37.08 -8.70
C ALA C 236 -10.84 -37.74 -7.56
N ASN C 237 -9.58 -38.11 -7.77
CA ASN C 237 -8.83 -38.72 -6.70
C ASN C 237 -8.42 -37.65 -5.72
N ALA D 1 11.94 -1.44 -34.64
CA ALA D 1 12.66 -0.94 -33.49
C ALA D 1 11.74 -0.59 -32.34
N ASP D 2 12.27 -0.75 -31.14
CA ASP D 2 11.54 -0.52 -29.93
C ASP D 2 11.19 0.93 -29.73
N THR D 3 10.22 1.17 -28.86
CA THR D 3 9.81 2.49 -28.50
C THR D 3 10.29 2.61 -27.07
N ILE D 4 11.16 3.56 -26.79
CA ILE D 4 11.73 3.70 -25.48
C ILE D 4 11.57 5.03 -24.81
N VAL D 5 11.19 5.02 -23.55
CA VAL D 5 11.10 6.21 -22.77
C VAL D 5 12.01 5.80 -21.65
N ALA D 6 12.89 6.66 -21.21
CA ALA D 6 13.80 6.28 -20.18
C ALA D 6 14.40 7.42 -19.40
N VAL D 7 14.89 7.12 -18.23
CA VAL D 7 15.56 8.07 -17.41
C VAL D 7 16.97 7.52 -17.27
N GLU D 8 17.95 8.28 -17.68
CA GLU D 8 19.31 7.84 -17.64
C GLU D 8 20.17 8.47 -16.62
N LEU D 9 21.04 7.66 -16.09
CA LEU D 9 22.00 8.09 -15.14
C LEU D 9 23.33 7.63 -15.71
N ASP D 10 23.82 8.53 -16.55
CA ASP D 10 25.00 8.64 -17.41
C ASP D 10 26.37 8.98 -16.75
N THR D 11 27.33 8.07 -16.47
CA THR D 11 28.52 8.56 -16.00
C THR D 11 29.39 8.94 -17.15
N TYR D 12 28.94 8.87 -18.38
CA TYR D 12 29.94 9.22 -19.37
C TYR D 12 29.51 10.21 -20.42
N PRO D 13 30.19 11.33 -20.40
CA PRO D 13 29.91 12.43 -21.31
C PRO D 13 30.44 12.19 -22.67
N ASN D 14 29.54 11.88 -23.57
CA ASN D 14 29.88 11.65 -24.94
C ASN D 14 29.45 12.90 -25.62
N THR D 15 30.25 13.94 -25.44
CA THR D 15 29.97 15.25 -25.99
C THR D 15 29.78 15.29 -27.47
N ASP D 16 30.28 14.29 -28.16
CA ASP D 16 30.13 14.28 -29.58
C ASP D 16 28.72 13.98 -30.01
N ILE D 17 27.93 13.37 -29.14
CA ILE D 17 26.56 13.11 -29.52
C ILE D 17 25.53 13.89 -28.74
N GLY D 18 25.98 14.79 -27.86
CA GLY D 18 25.06 15.59 -27.09
C GLY D 18 25.21 15.68 -25.60
N ASP D 19 25.81 14.68 -25.00
CA ASP D 19 26.01 14.67 -23.59
C ASP D 19 26.64 16.00 -23.21
N PRO D 20 26.36 16.54 -22.04
CA PRO D 20 27.02 17.77 -21.63
C PRO D 20 28.37 17.38 -21.07
N SER D 21 29.24 18.33 -20.81
CA SER D 21 30.56 18.00 -20.33
C SER D 21 30.68 17.35 -18.97
N TYR D 22 29.63 16.72 -18.48
CA TYR D 22 29.70 16.08 -17.19
C TYR D 22 28.56 15.11 -17.10
N PRO D 23 28.63 14.22 -16.05
CA PRO D 23 27.47 13.31 -15.97
C PRO D 23 26.36 14.05 -15.31
N ILE D 25 22.32 13.06 -15.46
CA ILE D 25 20.89 12.79 -15.20
C ILE D 25 19.98 13.32 -16.29
N GLY D 26 19.37 12.42 -17.06
CA GLY D 26 18.51 12.85 -18.14
C GLY D 26 17.25 12.10 -18.47
N ILE D 27 16.45 12.69 -19.30
CA ILE D 27 15.19 12.11 -19.70
C ILE D 27 15.23 11.81 -21.20
N ASP D 28 15.13 10.55 -21.58
CA ASP D 28 15.19 10.19 -22.98
C ASP D 28 13.91 9.67 -23.60
N ILE D 29 13.49 10.28 -24.69
CA ILE D 29 12.29 9.89 -25.38
C ILE D 29 12.58 9.48 -26.81
N LYS D 30 12.52 8.20 -27.08
CA LYS D 30 12.79 7.64 -28.38
C LYS D 30 14.17 7.97 -28.92
N SER D 31 15.05 8.43 -28.05
CA SER D 31 16.39 8.77 -28.44
C SER D 31 17.33 8.88 -27.29
N VAL D 32 18.59 8.59 -27.55
CA VAL D 32 19.62 8.64 -26.54
C VAL D 32 20.10 10.04 -26.29
N ARG D 33 19.66 10.96 -27.13
CA ARG D 33 19.96 12.35 -26.96
C ARG D 33 18.83 12.92 -26.11
N SER D 34 19.05 12.98 -24.81
CA SER D 34 18.05 13.45 -23.86
C SER D 34 17.36 14.76 -24.12
N LYS D 35 16.04 14.75 -24.05
CA LYS D 35 15.27 15.95 -24.24
C LYS D 35 15.51 16.92 -23.13
N LYS D 36 16.10 16.48 -22.04
CA LYS D 36 16.39 17.35 -20.94
C LYS D 36 17.32 16.64 -20.02
N THR D 37 18.23 17.37 -19.41
CA THR D 37 19.23 16.82 -18.53
C THR D 37 19.55 17.72 -17.39
N ALA D 38 20.27 17.20 -16.40
CA ALA D 38 20.68 17.96 -15.26
C ALA D 38 21.99 17.37 -14.75
N LYS D 39 22.84 18.21 -14.19
CA LYS D 39 24.13 17.80 -13.69
C LYS D 39 23.99 16.84 -12.56
N TRP D 40 24.80 15.81 -12.59
CA TRP D 40 24.75 14.81 -11.56
C TRP D 40 26.12 14.62 -11.03
N ASN D 41 26.30 14.87 -9.75
CA ASN D 41 27.58 14.66 -9.17
C ASN D 41 27.78 13.24 -8.71
N MET D 42 28.00 12.36 -9.68
CA MET D 42 28.20 10.97 -9.38
C MET D 42 29.16 10.91 -8.23
N GLN D 43 29.16 9.80 -7.52
CA GLN D 43 30.00 9.60 -6.37
C GLN D 43 30.44 8.17 -6.41
N ASN D 44 31.55 7.92 -7.06
CA ASN D 44 32.04 6.58 -7.20
C ASN D 44 32.04 5.80 -5.95
N GLY D 45 31.50 4.59 -6.01
CA GLY D 45 31.45 3.70 -4.87
C GLY D 45 30.44 3.97 -3.79
N LYS D 46 29.57 4.93 -3.98
CA LYS D 46 28.56 5.22 -2.97
C LYS D 46 27.13 4.88 -3.43
N VAL D 47 26.34 4.29 -2.56
CA VAL D 47 24.96 3.89 -2.84
C VAL D 47 23.99 5.02 -3.10
N GLY D 48 23.47 5.10 -4.30
CA GLY D 48 22.53 6.12 -4.67
C GLY D 48 21.11 5.67 -4.72
N THR D 49 20.20 6.60 -4.83
CA THR D 49 18.79 6.32 -4.87
C THR D 49 18.18 7.13 -5.98
N ALA D 50 17.43 6.45 -6.83
CA ALA D 50 16.77 7.07 -7.95
C ALA D 50 15.31 6.89 -7.76
N HIS D 51 14.60 7.97 -8.01
CA HIS D 51 13.18 8.05 -7.85
C HIS D 51 12.63 8.66 -9.12
N ILE D 52 11.67 8.00 -9.73
CA ILE D 52 11.07 8.47 -10.95
C ILE D 52 9.58 8.54 -10.77
N ILE D 53 8.97 9.60 -11.25
CA ILE D 53 7.54 9.76 -11.15
C ILE D 53 6.92 10.35 -12.38
N TYR D 54 5.72 9.93 -12.67
CA TYR D 54 4.98 10.43 -13.76
C TYR D 54 3.53 10.47 -13.35
N ASN D 55 2.90 11.61 -13.42
CA ASN D 55 1.52 11.66 -13.06
C ASN D 55 0.75 12.06 -14.28
N SER D 56 -0.42 11.48 -14.43
CA SER D 56 -1.23 11.71 -15.60
C SER D 56 -1.91 13.04 -15.62
N VAL D 57 -1.86 13.78 -14.54
CA VAL D 57 -2.50 15.05 -14.54
C VAL D 57 -1.65 16.07 -15.24
N ASP D 58 -0.41 16.17 -14.81
CA ASP D 58 0.47 17.12 -15.38
C ASP D 58 1.12 16.60 -16.62
N LYS D 59 1.23 15.30 -16.71
CA LYS D 59 1.88 14.71 -17.83
C LYS D 59 3.30 15.19 -17.77
N ARG D 60 3.90 15.01 -16.62
CA ARG D 60 5.25 15.42 -16.42
C ARG D 60 5.98 14.23 -15.89
N LEU D 61 7.20 14.02 -16.35
CA LEU D 61 8.05 12.91 -15.93
C LEU D 61 9.20 13.48 -15.16
N SER D 62 9.44 13.01 -13.95
CA SER D 62 10.51 13.54 -13.17
C SER D 62 11.36 12.50 -12.54
N ALA D 63 12.57 12.86 -12.18
CA ALA D 63 13.47 11.96 -11.55
C ALA D 63 14.40 12.67 -10.59
N VAL D 64 14.80 11.99 -9.55
CA VAL D 64 15.70 12.55 -8.61
C VAL D 64 16.66 11.48 -8.20
N VAL D 65 17.94 11.80 -8.15
CA VAL D 65 18.93 10.86 -7.76
C VAL D 65 19.59 11.44 -6.54
N SER D 66 19.79 10.64 -5.52
CA SER D 66 20.36 11.13 -4.32
C SER D 66 21.35 10.21 -3.64
N TYR D 67 22.06 10.78 -2.69
CA TYR D 67 23.04 10.09 -1.90
C TYR D 67 22.94 10.69 -0.53
N PRO D 68 23.30 9.96 0.50
CA PRO D 68 23.22 10.50 1.85
C PRO D 68 24.22 11.62 2.03
N ASN D 69 23.90 12.60 2.85
CA ASN D 69 24.79 13.72 3.07
C ASN D 69 25.24 14.27 1.74
N ALA D 70 24.28 14.67 0.91
CA ALA D 70 24.62 15.20 -0.37
C ALA D 70 23.39 15.75 -1.00
N ASP D 71 23.56 16.69 -1.91
CA ASP D 71 22.43 17.29 -2.56
C ASP D 71 21.89 16.47 -3.71
N SER D 72 20.66 16.74 -4.08
CA SER D 72 19.96 16.02 -5.11
C SER D 72 20.08 16.61 -6.48
N ALA D 73 20.05 15.76 -7.48
CA ALA D 73 20.05 16.20 -8.84
C ALA D 73 18.66 15.85 -9.27
N THR D 74 18.02 16.73 -10.01
CA THR D 74 16.68 16.45 -10.44
C THR D 74 16.42 17.02 -11.82
N VAL D 75 15.58 16.33 -12.56
CA VAL D 75 15.22 16.72 -13.90
C VAL D 75 13.77 16.37 -14.16
N SER D 76 13.10 17.20 -14.92
CA SER D 76 11.70 17.01 -15.26
C SER D 76 11.51 17.33 -16.69
N TYR D 77 10.38 16.94 -17.25
CA TYR D 77 10.11 17.16 -18.64
C TYR D 77 8.68 16.81 -18.93
N ASP D 78 7.99 17.72 -19.60
CA ASP D 78 6.61 17.52 -19.95
C ASP D 78 6.53 16.59 -21.14
N VAL D 79 5.73 15.54 -21.02
CA VAL D 79 5.56 14.59 -22.10
C VAL D 79 4.29 13.78 -21.98
N ASP D 80 3.68 13.54 -23.13
CA ASP D 80 2.43 12.81 -23.25
C ASP D 80 2.71 11.41 -23.67
N LEU D 81 2.79 10.52 -22.69
CA LEU D 81 3.10 9.14 -22.91
C LEU D 81 2.12 8.42 -23.77
N ASP D 82 0.89 8.89 -23.73
CA ASP D 82 -0.15 8.30 -24.48
C ASP D 82 0.11 8.53 -25.95
N ASN D 83 0.96 9.47 -26.27
CA ASN D 83 1.28 9.76 -27.63
C ASN D 83 2.62 9.21 -28.01
N VAL D 84 3.31 8.62 -27.07
CA VAL D 84 4.63 8.10 -27.34
C VAL D 84 4.67 6.61 -27.19
N LEU D 85 4.13 6.13 -26.09
CA LEU D 85 4.15 4.73 -25.81
C LEU D 85 2.94 3.94 -26.19
N PRO D 86 3.15 2.67 -26.41
CA PRO D 86 2.04 1.79 -26.73
C PRO D 86 1.26 1.59 -25.47
N GLU D 87 0.03 1.17 -25.63
CA GLU D 87 -0.85 0.96 -24.53
C GLU D 87 -0.28 0.05 -23.43
N TRP D 88 0.32 -1.05 -23.82
CA TRP D 88 0.87 -1.96 -22.87
C TRP D 88 2.36 -1.93 -23.04
N VAL D 89 3.06 -1.98 -21.93
CA VAL D 89 4.50 -1.94 -21.92
C VAL D 89 5.12 -2.86 -20.88
N ARG D 90 6.43 -2.86 -20.80
CA ARG D 90 7.15 -3.59 -19.80
C ARG D 90 8.02 -2.53 -19.21
N VAL D 91 8.50 -2.72 -18.00
CA VAL D 91 9.37 -1.78 -17.37
C VAL D 91 10.63 -2.52 -16.98
N GLY D 92 11.76 -1.81 -16.97
CA GLY D 92 13.02 -2.41 -16.63
C GLY D 92 14.17 -1.50 -16.32
N LEU D 93 15.32 -2.09 -16.07
CA LEU D 93 16.52 -1.38 -15.79
C LEU D 93 17.55 -1.83 -16.81
N SER D 94 18.42 -0.95 -17.23
CA SER D 94 19.40 -1.31 -18.23
C SER D 94 20.69 -0.61 -17.92
N ALA D 95 21.80 -1.17 -18.37
CA ALA D 95 23.11 -0.61 -18.15
C ALA D 95 24.13 -1.06 -19.16
N SER D 96 25.22 -0.31 -19.25
CA SER D 96 26.30 -0.62 -20.15
C SER D 96 27.68 -0.11 -19.76
N THR D 97 28.67 -0.71 -20.38
CA THR D 97 30.05 -0.35 -20.22
C THR D 97 30.58 -0.34 -21.64
N GLY D 98 31.72 0.26 -21.86
CA GLY D 98 32.28 0.31 -23.19
C GLY D 98 33.73 0.15 -22.99
N LEU D 99 34.51 1.07 -23.52
CA LEU D 99 35.92 0.98 -23.34
C LEU D 99 36.17 1.30 -21.89
N TYR D 100 35.32 2.13 -21.31
CA TYR D 100 35.42 2.45 -19.92
C TYR D 100 34.36 1.65 -19.21
N LYS D 101 34.56 1.39 -17.93
CA LYS D 101 33.65 0.57 -17.17
C LYS D 101 33.35 0.98 -15.73
N GLU D 102 32.35 0.30 -15.19
CA GLU D 102 31.83 0.50 -13.86
C GLU D 102 30.95 -0.68 -13.55
N THR D 103 30.72 -0.97 -12.29
CA THR D 103 29.81 -2.02 -11.93
C THR D 103 28.47 -1.34 -11.98
N ASN D 104 27.44 -2.07 -12.37
CA ASN D 104 26.12 -1.50 -12.40
C ASN D 104 25.24 -2.38 -11.57
N THR D 105 25.43 -2.30 -10.28
CA THR D 105 24.69 -3.09 -9.31
C THR D 105 23.43 -2.45 -8.80
N ILE D 106 22.35 -3.21 -8.85
CA ILE D 106 21.07 -2.77 -8.35
C ILE D 106 20.75 -3.48 -7.05
N LEU D 107 20.64 -2.72 -5.99
CA LEU D 107 20.35 -3.28 -4.69
C LEU D 107 18.86 -3.45 -4.42
N SER D 108 18.03 -2.64 -5.04
CA SER D 108 16.60 -2.75 -4.85
C SER D 108 15.87 -2.00 -5.92
N TRP D 109 14.65 -2.41 -6.22
CA TRP D 109 13.86 -1.79 -7.24
C TRP D 109 12.40 -1.97 -6.96
N SER D 110 11.64 -0.90 -6.97
CA SER D 110 10.23 -1.02 -6.77
C SER D 110 9.50 -0.21 -7.82
N PHE D 111 8.25 -0.52 -8.05
CA PHE D 111 7.46 0.14 -9.06
C PHE D 111 5.98 0.09 -8.74
N THR D 112 5.26 1.14 -9.07
CA THR D 112 3.83 1.23 -8.82
C THR D 112 3.11 1.90 -9.97
N SER D 113 2.11 1.25 -10.53
CA SER D 113 1.32 1.80 -11.61
C SER D 113 -0.14 1.88 -11.21
N LYS D 114 -0.82 2.90 -11.67
CA LYS D 114 -2.21 3.12 -11.32
C LYS D 114 -2.97 3.73 -12.44
N LEU D 115 -4.07 3.11 -12.85
CA LEU D 115 -4.99 3.57 -13.89
C LEU D 115 -6.38 3.82 -13.28
N LYS D 116 -6.76 5.08 -13.14
CA LYS D 116 -8.02 5.41 -12.53
C LYS D 116 -9.09 5.37 -13.57
N THR D 123 -10.18 1.84 -10.15
CA THR D 123 -8.75 1.67 -10.08
C THR D 123 -8.10 0.32 -10.34
N ASN D 124 -7.17 0.28 -11.27
CA ASN D 124 -6.41 -0.92 -11.53
C ASN D 124 -5.00 -0.62 -11.08
N ALA D 125 -4.33 -1.54 -10.41
CA ALA D 125 -2.99 -1.27 -9.93
C ALA D 125 -2.02 -2.43 -10.01
N LEU D 126 -0.74 -2.10 -9.99
CA LEU D 126 0.32 -3.05 -10.00
C LEU D 126 1.47 -2.49 -9.22
N HIS D 127 1.98 -3.27 -8.30
CA HIS D 127 3.12 -2.86 -7.54
C HIS D 127 3.98 -4.05 -7.24
N PHE D 128 5.28 -3.86 -7.33
CA PHE D 128 6.23 -4.89 -7.00
C PHE D 128 7.42 -4.27 -6.28
N MET D 129 7.97 -5.03 -5.37
CA MET D 129 9.07 -4.55 -4.58
C MET D 129 10.12 -5.61 -4.54
N PHE D 130 11.32 -5.22 -4.89
CA PHE D 130 12.44 -6.13 -4.85
C PHE D 130 13.42 -5.53 -3.90
N ASN D 131 13.62 -6.13 -2.76
CA ASN D 131 14.61 -5.63 -1.84
C ASN D 131 15.79 -6.57 -1.75
N GLN D 132 15.70 -7.65 -2.50
CA GLN D 132 16.72 -8.64 -2.60
C GLN D 132 16.49 -9.32 -3.91
N PHE D 133 17.52 -9.88 -4.52
CA PHE D 133 17.36 -10.61 -5.75
C PHE D 133 17.89 -12.01 -5.57
N SER D 134 17.13 -13.00 -6.00
CA SER D 134 17.52 -14.39 -5.86
C SER D 134 18.26 -14.92 -7.07
N LYS D 135 18.85 -16.09 -6.97
CA LYS D 135 19.61 -16.65 -8.07
C LYS D 135 18.74 -17.05 -9.21
N ASP D 136 17.50 -17.29 -8.89
CA ASP D 136 16.57 -17.67 -9.88
C ASP D 136 15.31 -16.86 -9.64
N GLN D 137 15.28 -15.69 -10.23
CA GLN D 137 14.19 -14.77 -10.09
C GLN D 137 13.31 -14.87 -11.29
N LYS D 138 12.32 -15.74 -11.20
CA LYS D 138 11.43 -16.00 -12.29
C LYS D 138 10.51 -14.88 -12.75
N ASP D 139 10.32 -13.87 -11.95
CA ASP D 139 9.47 -12.79 -12.33
C ASP D 139 10.27 -11.65 -12.93
N LEU D 140 11.45 -11.96 -13.40
CA LEU D 140 12.30 -10.99 -14.01
C LEU D 140 12.84 -11.54 -15.30
N ILE D 141 12.89 -10.70 -16.32
CA ILE D 141 13.43 -11.07 -17.59
C ILE D 141 14.80 -10.49 -17.70
N LEU D 142 15.80 -11.35 -17.71
CA LEU D 142 17.14 -10.90 -17.79
C LEU D 142 17.59 -10.92 -19.21
N GLN D 143 18.26 -9.87 -19.62
CA GLN D 143 18.74 -9.79 -20.97
C GLN D 143 20.21 -9.49 -21.01
N GLY D 144 20.91 -10.07 -21.95
CA GLY D 144 22.33 -9.86 -22.08
C GLY D 144 23.19 -10.37 -20.94
N ASP D 145 24.01 -9.51 -20.40
CA ASP D 145 24.91 -9.89 -19.33
C ASP D 145 24.36 -9.85 -17.93
N ALA D 146 23.10 -9.53 -17.77
CA ALA D 146 22.53 -9.42 -16.46
C ALA D 146 22.31 -10.71 -15.70
N THR D 147 22.65 -10.69 -14.44
CA THR D 147 22.49 -11.83 -13.59
C THR D 147 21.96 -11.38 -12.26
N THR D 148 21.47 -12.33 -11.50
CA THR D 148 20.94 -12.11 -10.17
C THR D 148 21.47 -13.16 -9.24
N GLY D 149 21.27 -12.94 -7.95
CA GLY D 149 21.69 -13.89 -6.94
C GLY D 149 22.98 -13.56 -6.26
N THR D 150 23.86 -12.94 -7.00
CA THR D 150 25.13 -12.58 -6.47
C THR D 150 24.92 -11.56 -5.40
N ASP D 151 25.27 -11.95 -4.19
CA ASP D 151 25.12 -11.07 -3.06
C ASP D 151 23.69 -10.69 -2.87
N GLY D 152 22.81 -11.25 -3.68
CA GLY D 152 21.42 -10.92 -3.58
C GLY D 152 21.17 -9.64 -4.32
N ASN D 153 22.02 -9.36 -5.27
CA ASN D 153 21.89 -8.18 -6.03
C ASN D 153 21.63 -8.50 -7.47
N LEU D 154 21.46 -7.46 -8.24
CA LEU D 154 21.23 -7.59 -9.64
C LEU D 154 22.38 -6.88 -10.29
N GLU D 155 23.15 -7.59 -11.10
CA GLU D 155 24.28 -6.99 -11.78
C GLU D 155 23.91 -6.83 -13.21
N LEU D 156 23.66 -5.62 -13.62
CA LEU D 156 23.27 -5.38 -14.97
C LEU D 156 24.36 -5.73 -15.97
N THR D 157 25.60 -5.41 -15.66
CA THR D 157 26.68 -5.75 -16.54
C THR D 157 27.62 -6.74 -15.90
N ARG D 158 28.46 -7.36 -16.71
CA ARG D 158 29.41 -8.36 -16.28
C ARG D 158 30.47 -7.95 -15.27
N VAL D 159 30.59 -8.73 -14.22
CA VAL D 159 31.59 -8.49 -13.21
C VAL D 159 32.38 -9.77 -13.07
N SER D 160 33.69 -9.63 -12.98
CA SER D 160 34.60 -10.76 -12.87
C SER D 160 34.57 -11.46 -11.53
N SER D 161 35.21 -12.62 -11.48
CA SER D 161 35.30 -13.45 -10.30
C SER D 161 35.88 -12.74 -9.10
N ASN D 162 36.53 -11.62 -9.33
CA ASN D 162 37.11 -10.89 -8.24
C ASN D 162 36.46 -9.55 -8.10
N GLY D 163 35.24 -9.45 -8.58
CA GLY D 163 34.48 -8.22 -8.46
C GLY D 163 34.90 -7.12 -9.40
N SER D 164 35.80 -7.43 -10.32
CA SER D 164 36.25 -6.43 -11.25
C SER D 164 35.27 -6.31 -12.39
N PRO D 165 34.88 -5.10 -12.72
CA PRO D 165 33.91 -4.83 -13.78
C PRO D 165 34.45 -4.95 -15.18
N GLN D 166 33.74 -5.63 -16.05
CA GLN D 166 34.16 -5.82 -17.42
C GLN D 166 33.70 -4.71 -18.36
N GLY D 167 34.46 -4.49 -19.41
CA GLY D 167 34.16 -3.49 -20.40
C GLY D 167 33.27 -4.04 -21.48
N SER D 168 32.77 -3.16 -22.31
CA SER D 168 31.90 -3.53 -23.38
C SER D 168 30.79 -4.50 -23.00
N SER D 169 30.16 -4.28 -21.86
CA SER D 169 29.07 -5.13 -21.45
C SER D 169 27.73 -4.44 -21.51
N VAL D 170 26.67 -5.23 -21.56
CA VAL D 170 25.32 -4.71 -21.59
C VAL D 170 24.28 -5.68 -21.06
N GLY D 171 23.31 -5.18 -20.32
CA GLY D 171 22.29 -6.03 -19.78
C GLY D 171 21.09 -5.29 -19.24
N ARG D 172 19.95 -5.94 -19.19
CA ARG D 172 18.76 -5.31 -18.67
C ARG D 172 17.93 -6.29 -17.90
N ALA D 173 17.03 -5.78 -17.07
CA ALA D 173 16.10 -6.58 -16.32
C ALA D 173 14.74 -5.99 -16.50
N LEU D 174 13.80 -6.80 -16.93
CA LEU D 174 12.48 -6.32 -17.16
C LEU D 174 11.53 -7.07 -16.27
N PHE D 175 10.54 -6.38 -15.72
CA PHE D 175 9.54 -7.04 -14.92
C PHE D 175 8.70 -7.88 -15.87
N TYR D 176 8.41 -9.09 -15.46
CA TYR D 176 7.70 -10.05 -16.24
C TYR D 176 6.35 -9.66 -16.77
N ALA D 177 5.54 -9.03 -15.95
CA ALA D 177 4.24 -8.67 -16.38
C ALA D 177 4.18 -7.40 -17.13
N PRO D 178 3.38 -7.38 -18.16
CA PRO D 178 3.15 -6.17 -18.93
C PRO D 178 2.38 -5.19 -18.07
N VAL D 179 2.57 -3.91 -18.30
CA VAL D 179 1.89 -2.90 -17.54
C VAL D 179 1.03 -2.04 -18.41
N HIS D 180 -0.16 -1.71 -17.95
CA HIS D 180 -1.07 -0.87 -18.68
C HIS D 180 -0.79 0.58 -18.33
N ILE D 181 -0.23 1.37 -19.23
CA ILE D 181 0.06 2.76 -18.91
C ILE D 181 -0.95 3.78 -19.39
N TRP D 182 -1.77 3.43 -20.34
CA TRP D 182 -2.75 4.37 -20.77
C TRP D 182 -3.95 3.69 -21.33
N GLU D 183 -5.06 4.40 -21.25
CA GLU D 183 -6.35 3.98 -21.73
C GLU D 183 -6.77 5.09 -22.65
N SER D 184 -7.80 4.88 -23.45
CA SER D 184 -8.20 5.96 -24.32
C SER D 184 -8.15 7.29 -23.59
N SER D 185 -8.98 7.58 -22.58
CA SER D 185 -9.99 6.68 -22.07
C SER D 185 -9.96 6.65 -20.54
N ALA D 186 -8.85 7.10 -19.96
CA ALA D 186 -8.65 7.09 -18.51
C ALA D 186 -8.37 8.46 -17.95
N VAL D 187 -8.62 8.61 -16.64
CA VAL D 187 -8.42 9.88 -15.93
C VAL D 187 -7.06 10.14 -15.28
N VAL D 188 -6.32 9.10 -14.93
CA VAL D 188 -5.01 9.30 -14.33
C VAL D 188 -4.11 8.07 -14.33
N ALA D 189 -3.27 7.94 -15.36
CA ALA D 189 -2.33 6.83 -15.47
C ALA D 189 -0.98 7.20 -14.86
N SER D 190 -0.79 6.96 -13.59
CA SER D 190 0.43 7.35 -12.95
C SER D 190 1.30 6.23 -12.50
N PHE D 191 2.57 6.51 -12.32
CA PHE D 191 3.48 5.51 -11.86
C PHE D 191 4.67 6.11 -11.14
N GLU D 192 5.30 5.30 -10.33
CA GLU D 192 6.45 5.71 -9.59
C GLU D 192 7.41 4.57 -9.60
N ALA D 193 8.68 4.86 -9.72
CA ALA D 193 9.67 3.83 -9.68
C ALA D 193 10.84 4.26 -8.82
N THR D 194 11.41 3.31 -8.11
CA THR D 194 12.53 3.56 -7.23
C THR D 194 13.54 2.47 -7.39
N PHE D 195 14.80 2.81 -7.29
CA PHE D 195 15.85 1.84 -7.33
C PHE D 195 17.09 2.36 -6.66
N THR D 196 17.82 1.44 -6.09
CA THR D 196 19.02 1.70 -5.37
C THR D 196 20.18 1.11 -6.16
N PHE D 197 21.28 1.83 -6.30
CA PHE D 197 22.41 1.33 -7.06
C PHE D 197 23.80 1.57 -6.50
N LEU D 198 24.75 0.80 -6.99
CA LEU D 198 26.14 0.94 -6.59
C LEU D 198 27.03 0.91 -7.82
N ILE D 199 27.58 2.05 -8.17
CA ILE D 199 28.42 2.14 -9.33
C ILE D 199 29.82 2.40 -8.87
N LYS D 200 30.69 1.42 -9.01
CA LYS D 200 32.08 1.64 -8.63
C LYS D 200 33.04 1.25 -9.74
N SER D 201 34.04 2.09 -9.95
CA SER D 201 35.00 1.85 -10.97
C SER D 201 36.37 2.11 -10.47
N PRO D 202 37.20 1.09 -10.51
CA PRO D 202 38.58 1.21 -10.09
C PRO D 202 39.35 2.06 -11.07
N ASP D 203 38.65 2.97 -11.74
CA ASP D 203 39.28 3.83 -12.72
C ASP D 203 38.92 5.27 -12.54
N SER D 204 39.84 6.14 -12.87
CA SER D 204 39.57 7.54 -12.76
C SER D 204 38.38 7.88 -13.62
N HIS D 205 37.97 6.95 -14.49
CA HIS D 205 36.82 7.23 -15.35
C HIS D 205 35.87 6.08 -15.61
N PRO D 206 34.65 6.22 -15.12
CA PRO D 206 33.63 5.19 -15.29
C PRO D 206 32.65 5.44 -16.40
N ALA D 207 32.04 4.40 -16.90
CA ALA D 207 31.07 4.49 -17.97
C ALA D 207 30.35 3.20 -17.95
N ASP D 208 29.15 3.13 -18.52
CA ASP D 208 28.51 4.24 -19.18
C ASP D 208 27.23 4.72 -18.52
N GLY D 209 26.65 3.94 -17.63
CA GLY D 209 25.44 4.35 -16.97
C GLY D 209 24.33 3.35 -16.75
N ILE D 210 23.31 3.80 -16.06
CA ILE D 210 22.17 2.99 -15.77
C ILE D 210 20.92 3.71 -16.18
N ALA D 211 19.92 2.96 -16.53
CA ALA D 211 18.68 3.55 -16.89
C ALA D 211 17.46 2.75 -16.52
N PHE D 212 16.40 3.47 -16.22
CA PHE D 212 15.11 2.91 -15.96
C PHE D 212 14.43 3.20 -17.25
N PHE D 213 13.74 2.23 -17.81
CA PHE D 213 13.08 2.44 -19.07
C PHE D 213 11.72 1.82 -19.12
N ILE D 214 10.96 2.22 -20.12
CA ILE D 214 9.63 1.71 -20.39
C ILE D 214 9.67 1.46 -21.89
N SER D 215 9.24 0.31 -22.34
CA SER D 215 9.31 -0.02 -23.72
C SER D 215 8.19 -0.87 -24.16
N ASN D 216 8.15 -1.19 -25.43
CA ASN D 216 7.16 -2.09 -25.94
C ASN D 216 7.44 -3.39 -25.21
N ILE D 217 6.45 -4.22 -25.04
CA ILE D 217 6.64 -5.44 -24.32
C ILE D 217 7.68 -6.39 -24.88
N ASP D 218 7.86 -6.46 -26.19
CA ASP D 218 8.84 -7.35 -26.76
C ASP D 218 10.18 -6.72 -26.96
N SER D 219 10.49 -5.71 -26.20
CA SER D 219 11.76 -5.03 -26.31
C SER D 219 12.94 -5.94 -26.02
N SER D 220 14.02 -5.74 -26.73
CA SER D 220 15.24 -6.51 -26.52
C SER D 220 16.45 -5.67 -26.77
N ILE D 221 17.57 -6.07 -26.20
CA ILE D 221 18.77 -5.33 -26.37
C ILE D 221 19.11 -5.20 -27.82
N PRO D 222 19.20 -3.98 -28.30
CA PRO D 222 19.53 -3.77 -29.69
C PRO D 222 20.96 -4.19 -29.85
N SER D 223 21.22 -5.00 -30.85
CA SER D 223 22.55 -5.50 -31.13
C SER D 223 23.54 -4.36 -31.22
N GLY D 224 24.57 -4.42 -30.40
CA GLY D 224 25.58 -3.41 -30.38
C GLY D 224 25.35 -2.21 -29.49
N SER D 225 24.38 -2.26 -28.59
CA SER D 225 24.11 -1.12 -27.74
C SER D 225 24.96 -0.96 -26.50
N THR D 226 26.24 -1.23 -26.61
CA THR D 226 27.13 -1.08 -25.50
C THR D 226 27.55 0.36 -25.48
N GLY D 227 28.36 0.70 -24.51
CA GLY D 227 28.84 2.06 -24.34
C GLY D 227 27.74 3.08 -24.19
N ARG D 228 27.94 4.20 -24.84
CA ARG D 228 27.06 5.32 -24.84
C ARG D 228 25.63 4.99 -25.18
N LEU D 229 25.37 3.77 -25.62
CA LEU D 229 24.02 3.44 -26.01
C LEU D 229 23.13 2.92 -24.90
N LEU D 230 23.72 2.51 -23.81
CA LEU D 230 22.99 2.09 -22.64
C LEU D 230 21.99 0.96 -22.74
N GLY D 231 22.08 0.19 -23.79
CA GLY D 231 21.21 -0.94 -24.03
C GLY D 231 19.83 -0.56 -24.44
N LEU D 232 19.67 0.69 -24.77
CA LEU D 232 18.37 1.19 -25.12
C LEU D 232 18.15 1.50 -26.54
N PHE D 233 19.14 2.12 -27.17
CA PHE D 233 19.00 2.54 -28.53
C PHE D 233 19.95 1.92 -29.51
N PRO D 234 19.50 1.78 -30.74
CA PRO D 234 20.33 1.18 -31.77
C PRO D 234 21.33 2.13 -32.32
N ASP D 235 21.15 3.41 -32.17
CA ASP D 235 22.10 4.36 -32.69
C ASP D 235 21.97 5.64 -31.91
N ALA D 236 22.62 6.69 -32.36
CA ALA D 236 22.55 7.94 -31.67
C ALA D 236 21.74 8.97 -32.39
N ASN D 237 20.80 8.54 -33.20
CA ASN D 237 19.96 9.48 -33.91
C ASN D 237 19.13 10.25 -32.90
MN MN E . -14.08 30.31 -5.84
CA CA F . -17.83 31.09 -4.65
MN MN G . 6.66 -12.61 31.05
CA CA H . 9.60 -10.48 33.35
C4 96O I . 12.35 -6.22 37.91
C5 96O I . 13.84 -6.56 38.08
C01 96O I . 12.87 -12.11 43.52
N02 96O I . 13.43 -10.97 42.81
N03 96O I . 14.27 -10.99 41.74
N04 96O I . 14.54 -9.69 41.38
C05 96O I . 13.89 -8.89 42.21
C06 96O I . 13.89 -7.36 42.18
O1 96O I . 13.91 -7.05 40.83
C1 96O I . 13.80 -5.75 40.40
C2 96O I . 12.31 -5.37 40.27
O2 96O I . 12.12 -3.99 40.05
C3 96O I . 11.63 -6.17 39.19
O3 96O I . 10.34 -5.56 38.94
O4 96O I . 11.72 -7.28 37.17
C6 96O I . 14.52 -6.34 36.80
O6 96O I . 14.79 -4.98 36.72
O5 96O I . 14.52 -5.70 39.11
C19 96O I . 13.19 -9.70 43.11
MN MN J . -16.63 -29.67 -3.12
CA CA K . -19.11 -30.02 -6.65
MN MN L . 23.46 11.28 -21.80
CA CA M . 27.03 9.35 -22.26
#